data_8HC7
#
_entry.id   8HC7
#
_cell.length_a   1.00
_cell.length_b   1.00
_cell.length_c   1.00
_cell.angle_alpha   90.00
_cell.angle_beta   90.00
_cell.angle_gamma   90.00
#
_symmetry.space_group_name_H-M   'P 1'
#
loop_
_entity.id
_entity.type
_entity.pdbx_description
1 polymer 'Spike protein S1'
2 polymer 'Spike protein S1'
3 polymer 'Heavy chain variable region of YB9-258'
4 polymer 'Light chain variable region of YB9-258'
5 non-polymer 2-acetamido-2-deoxy-beta-D-glucopyranose
#
loop_
_entity_poly.entity_id
_entity_poly.type
_entity_poly.pdbx_seq_one_letter_code
_entity_poly.pdbx_strand_id
1 'polypeptide(L)'
;QCVNLTTRTQLPPAYTNSFTRGVYYPDKVFRSSVLHSTQDLFLPFFSNVTWFHVISGTNGTKRFDNPVLPFNDGVYFASI
EKSNIIRGWIFGTTLDSKTQSLLIVNNATNVVIKVCEFQFCNDPFLDHKNNKSWMESEFRVYSSANNCTFEYVSQPFLMD
LEGKQGNFKNLREFVFKNIDGYFKIYSKHTPIIVREPEDLPQGFSALEPLVDLPIGINITRFQTLLALHRSYLTPGDSSS
GWTAGAAAYYVGYLQPRTFLLKYNENGTITDAVDCALDPLSETKCTLKSFTVEKGIYQTSNFRVQPTESIVRFPNITNLC
PFDEVFNATRFASVYAWNRKRISNCVADYSVLYNLAPFFTFKCYGVSPTKLNDLCFTNVYADSFVIRGDEVRQIAPGQTG
NIADYNYKLPDDFTGCVIAWNSNKLDSKVSGNYNYLYRLFRKSNLKPFERDISTEIYQAGNKPCNGVAGFNCYFPLRSYS
FRPTYGVGHQPYRVVVLSFELLHAPATVCG
;
C
2 'polypeptide(L)'
;PTESIVRFPNITNLCPFDEVFNATRFASVYAWNRKRISNCVADYSVLYNLAPFFTFKCYGVSPTKLNDLCFTNVYADSFV
IRGDEVRQIAPGQTGNIADYNYKLPDDFTGCVIAWNSNKLDSKVSGNYNYLYRLFRKSNLKPFERDISTEIYQAGNKPCN
GVAGFNCYFPLRSYSFRPTYGVGHQPYRVVVLSFELLHAPATVCGPKKSTNLVKNKCVNFNFNGLKGTGVLTESNKKFLP
FQQFGRDIADTTDAVRDPQTLEILDIT
;
A
3 'polypeptide(L)'
;EVQLVESGGGLIQPGGSLRLSCAASGLTVSSNYMHWVRQAPGKGLEWVSVLYAGGSAFYADSVKGRFTISRNNSKNTLYL
QMNSLRAEDTAIYYCARGLGDYLDSWGQGTLVTVS
;
H
4 'polypeptide(L)'
;DIQMTQSPSSVSASVGDRVTITCRASQGIGSWLAWYQQKPGKAPQLLIYAASTLQSGVPPRFSGSGSGTDFTLTITSLQP
EDFASYYCQQANSVLALTFGGGTKVEI
;
L
#
# COMPACT_ATOMS: atom_id res chain seq x y z
N GLN A 1 31.02 7.81 -2.46
CA GLN A 1 32.42 8.15 -2.70
C GLN A 1 33.05 7.20 -3.71
N CYS A 2 33.21 7.68 -4.95
CA CYS A 2 33.76 6.88 -6.02
C CYS A 2 34.75 7.72 -6.82
N VAL A 3 35.71 7.05 -7.45
CA VAL A 3 36.73 7.70 -8.25
C VAL A 3 36.60 7.18 -9.69
N ASN A 4 36.38 8.08 -10.62
CA ASN A 4 36.28 7.71 -12.03
C ASN A 4 37.65 7.42 -12.60
N LEU A 5 37.71 6.48 -13.53
CA LEU A 5 38.95 6.11 -14.21
C LEU A 5 38.82 6.39 -15.70
N THR A 6 39.81 7.08 -16.27
CA THR A 6 39.78 7.45 -17.68
C THR A 6 40.92 6.81 -18.48
N THR A 7 41.59 5.80 -17.91
CA THR A 7 42.69 5.12 -18.59
C THR A 7 42.28 3.79 -19.18
N ARG A 8 40.97 3.51 -19.28
CA ARG A 8 40.50 2.25 -19.83
C ARG A 8 40.78 2.18 -21.32
N THR A 9 41.21 0.99 -21.77
CA THR A 9 41.50 0.75 -23.18
C THR A 9 40.44 -0.18 -23.75
N GLN A 10 39.91 0.18 -24.92
CA GLN A 10 38.84 -0.58 -25.56
C GLN A 10 39.44 -1.60 -26.52
N LEU A 11 39.12 -2.87 -26.30
CA LEU A 11 39.52 -3.95 -27.19
C LEU A 11 38.32 -4.86 -27.43
N PRO A 12 38.23 -5.50 -28.61
CA PRO A 12 37.14 -6.43 -28.85
C PRO A 12 37.28 -7.66 -27.97
N PRO A 13 36.17 -8.26 -27.54
CA PRO A 13 36.25 -9.47 -26.74
C PRO A 13 36.74 -10.66 -27.55
N ALA A 14 37.36 -11.61 -26.85
CA ALA A 14 37.84 -12.85 -27.44
C ALA A 14 36.99 -14.02 -26.96
N TYR A 15 37.15 -15.16 -27.61
CA TYR A 15 36.36 -16.34 -27.32
C TYR A 15 37.26 -17.55 -27.10
N THR A 16 36.82 -18.44 -26.22
CA THR A 16 37.56 -19.63 -25.85
C THR A 16 36.60 -20.82 -25.85
N ASN A 17 37.12 -21.99 -26.23
CA ASN A 17 36.30 -23.19 -26.26
C ASN A 17 35.98 -23.68 -24.86
N SER A 18 34.94 -24.50 -24.77
CA SER A 18 34.37 -25.00 -23.52
C SER A 18 34.11 -26.50 -23.61
N PHE A 19 35.15 -27.26 -23.97
CA PHE A 19 35.03 -28.70 -24.23
C PHE A 19 34.38 -29.45 -23.08
N THR A 20 35.00 -29.42 -21.90
CA THR A 20 34.61 -30.28 -20.78
C THR A 20 34.46 -29.43 -19.51
N ARG A 21 33.70 -28.34 -19.62
CA ARG A 21 33.41 -27.48 -18.49
C ARG A 21 31.91 -27.28 -18.35
N GLY A 22 31.47 -27.07 -17.11
CA GLY A 22 30.06 -26.83 -16.85
C GLY A 22 29.29 -28.06 -16.44
N VAL A 23 29.83 -28.82 -15.49
CA VAL A 23 29.19 -30.04 -14.98
C VAL A 23 29.23 -29.99 -13.46
N TYR A 24 28.11 -30.36 -12.83
CA TYR A 24 28.00 -30.37 -11.38
C TYR A 24 27.06 -31.48 -10.96
N TYR A 25 26.90 -31.64 -9.65
CA TYR A 25 25.97 -32.63 -9.11
C TYR A 25 24.54 -32.14 -9.28
N PRO A 26 23.66 -32.91 -9.91
CA PRO A 26 22.27 -32.46 -10.08
C PRO A 26 21.52 -32.26 -8.77
N ASP A 27 21.85 -33.04 -7.74
CA ASP A 27 21.15 -32.94 -6.47
C ASP A 27 22.12 -33.36 -5.36
N LYS A 28 21.66 -33.20 -4.11
CA LYS A 28 22.43 -33.60 -2.94
C LYS A 28 22.49 -35.11 -2.76
N VAL A 29 21.73 -35.87 -3.55
CA VAL A 29 21.76 -37.32 -3.44
C VAL A 29 23.10 -37.85 -3.96
N PHE A 30 23.40 -39.08 -3.57
CA PHE A 30 24.61 -39.77 -4.01
C PHE A 30 24.24 -41.07 -4.69
N ARG A 31 24.87 -41.32 -5.85
CA ARG A 31 24.66 -42.53 -6.62
C ARG A 31 26.01 -43.11 -7.01
N SER A 32 26.07 -44.44 -7.09
CA SER A 32 27.30 -45.14 -7.43
C SER A 32 26.98 -46.30 -8.36
N SER A 33 27.80 -46.45 -9.41
CA SER A 33 27.71 -47.55 -10.37
C SER A 33 26.33 -47.62 -11.01
N VAL A 34 25.76 -46.46 -11.34
CA VAL A 34 24.44 -46.39 -11.98
C VAL A 34 24.40 -45.12 -12.82
N LEU A 35 23.73 -45.21 -13.97
CA LEU A 35 23.56 -44.09 -14.88
C LEU A 35 22.21 -43.45 -14.62
N HIS A 36 22.21 -42.13 -14.42
CA HIS A 36 21.00 -41.39 -14.10
C HIS A 36 20.91 -40.15 -14.99
N SER A 37 19.69 -39.79 -15.37
CA SER A 37 19.43 -38.65 -16.24
C SER A 37 18.59 -37.61 -15.51
N THR A 38 18.95 -36.34 -15.66
CA THR A 38 18.25 -35.24 -15.03
C THR A 38 17.97 -34.14 -16.05
N GLN A 39 16.91 -33.38 -15.81
CA GLN A 39 16.55 -32.23 -16.63
C GLN A 39 16.81 -30.97 -15.81
N ASP A 40 17.91 -30.31 -16.09
CA ASP A 40 18.32 -29.13 -15.33
C ASP A 40 19.18 -28.25 -16.22
N LEU A 41 19.41 -27.02 -15.76
CA LEU A 41 20.20 -26.05 -16.51
C LEU A 41 21.68 -26.41 -16.39
N PHE A 42 22.26 -26.92 -17.47
CA PHE A 42 23.67 -27.24 -17.53
C PHE A 42 24.32 -26.40 -18.63
N LEU A 43 25.60 -26.68 -18.90
CA LEU A 43 26.33 -26.03 -19.99
C LEU A 43 26.59 -27.06 -21.07
N PRO A 44 25.99 -26.92 -22.25
CA PRO A 44 26.20 -27.91 -23.32
C PRO A 44 27.64 -27.93 -23.80
N PHE A 45 28.09 -29.11 -24.23
CA PHE A 45 29.45 -29.28 -24.69
C PHE A 45 29.67 -28.54 -26.01
N PHE A 46 30.94 -28.16 -26.24
CA PHE A 46 31.36 -27.40 -27.44
C PHE A 46 30.58 -26.09 -27.58
N SER A 47 30.37 -25.42 -26.45
CA SER A 47 29.66 -24.14 -26.45
C SER A 47 30.65 -23.00 -26.68
N ASN A 48 30.20 -21.77 -26.49
CA ASN A 48 31.01 -20.58 -26.72
C ASN A 48 31.00 -19.72 -25.47
N VAL A 49 32.18 -19.45 -24.93
CA VAL A 49 32.34 -18.52 -23.81
C VAL A 49 33.25 -17.38 -24.27
N THR A 50 33.28 -16.32 -23.47
CA THR A 50 33.98 -15.10 -23.82
C THR A 50 35.26 -14.99 -22.99
N TRP A 51 36.36 -14.68 -23.67
CA TRP A 51 37.68 -14.59 -23.03
C TRP A 51 37.92 -13.17 -22.54
N PHE A 52 38.09 -13.03 -21.23
CA PHE A 52 38.42 -11.75 -20.59
C PHE A 52 39.78 -11.87 -19.92
N HIS A 53 40.66 -10.91 -20.19
CA HIS A 53 42.01 -10.90 -19.64
C HIS A 53 42.24 -9.59 -18.89
N VAL A 54 42.92 -9.69 -17.76
CA VAL A 54 43.24 -8.54 -16.91
C VAL A 54 44.76 -8.46 -16.76
N ILE A 55 45.31 -7.28 -17.05
CA ILE A 55 46.74 -7.04 -16.87
C ILE A 55 46.99 -5.55 -16.70
N LYS A 62 47.59 0.19 -18.75
CA LYS A 62 46.96 -0.80 -17.90
C LYS A 62 45.70 -1.37 -18.54
N ARG A 63 45.23 -2.51 -18.03
CA ARG A 63 44.05 -3.18 -18.53
C ARG A 63 43.06 -3.35 -17.39
N PHE A 64 41.87 -2.77 -17.53
CA PHE A 64 40.87 -2.86 -16.48
C PHE A 64 39.49 -3.13 -17.14
N ASP A 65 39.42 -4.18 -17.96
CA ASP A 65 38.16 -4.56 -18.60
C ASP A 65 37.15 -5.08 -17.58
N ASN A 66 36.19 -4.25 -17.21
CA ASN A 66 35.11 -4.63 -16.29
C ASN A 66 33.78 -4.22 -16.91
N PRO A 67 33.26 -5.00 -17.86
CA PRO A 67 31.98 -4.68 -18.48
C PRO A 67 30.81 -5.25 -17.69
N VAL A 68 29.60 -4.90 -18.15
CA VAL A 68 28.36 -5.33 -17.53
C VAL A 68 27.57 -6.13 -18.54
N LEU A 69 27.15 -7.34 -18.16
CA LEU A 69 26.44 -8.23 -19.04
C LEU A 69 25.11 -8.63 -18.42
N PRO A 70 24.06 -8.83 -19.23
CA PRO A 70 22.76 -9.22 -18.67
C PRO A 70 22.76 -10.65 -18.17
N PHE A 71 21.98 -10.87 -17.11
CA PHE A 71 21.83 -12.19 -16.49
C PHE A 71 20.51 -12.80 -16.97
N ASN A 72 20.54 -13.35 -18.18
CA ASN A 72 19.35 -14.00 -18.72
C ASN A 72 19.11 -15.37 -18.08
N ASP A 73 20.17 -16.14 -17.87
CA ASP A 73 20.08 -17.47 -17.28
C ASP A 73 21.28 -17.66 -16.35
N GLY A 74 21.51 -18.91 -15.95
CA GLY A 74 22.64 -19.19 -15.10
C GLY A 74 23.97 -18.97 -15.80
N VAL A 75 24.99 -18.62 -15.02
CA VAL A 75 26.30 -18.27 -15.53
C VAL A 75 27.34 -19.22 -14.95
N TYR A 76 28.27 -19.65 -15.79
CA TYR A 76 29.40 -20.48 -15.36
C TYR A 76 30.65 -19.61 -15.35
N PHE A 77 31.28 -19.50 -14.20
CA PHE A 77 32.43 -18.62 -14.00
C PHE A 77 33.69 -19.48 -13.86
N ALA A 78 34.58 -19.39 -14.83
CA ALA A 78 35.87 -20.06 -14.81
C ALA A 78 36.97 -19.00 -14.82
N SER A 79 37.87 -19.09 -13.86
CA SER A 79 38.90 -18.06 -13.70
C SER A 79 40.18 -18.70 -13.22
N ILE A 80 41.25 -18.59 -14.01
CA ILE A 80 42.58 -18.93 -13.54
C ILE A 80 43.05 -17.80 -12.64
N GLU A 81 43.50 -18.15 -11.43
CA GLU A 81 43.65 -17.18 -10.36
C GLU A 81 45.02 -17.27 -9.73
N LYS A 82 45.60 -16.11 -9.41
CA LYS A 82 46.88 -16.03 -8.73
C LYS A 82 46.92 -14.76 -7.89
N SER A 83 47.40 -14.90 -6.66
CA SER A 83 47.64 -13.78 -5.73
C SER A 83 46.37 -13.01 -5.39
N ASN A 84 45.21 -13.67 -5.49
CA ASN A 84 43.91 -13.15 -5.03
C ASN A 84 43.56 -11.83 -5.72
N ILE A 85 43.38 -11.92 -7.04
CA ILE A 85 43.03 -10.75 -7.83
C ILE A 85 41.54 -10.44 -7.71
N ILE A 86 40.69 -11.37 -8.11
CA ILE A 86 39.24 -11.15 -8.08
C ILE A 86 38.74 -11.30 -6.66
N ARG A 87 37.64 -10.61 -6.36
CA ARG A 87 37.05 -10.63 -5.02
C ARG A 87 35.61 -11.11 -4.99
N GLY A 88 34.77 -10.68 -5.93
CA GLY A 88 33.38 -11.06 -5.89
C GLY A 88 32.65 -10.60 -7.12
N TRP A 89 31.32 -10.66 -7.04
CA TRP A 89 30.44 -10.26 -8.14
C TRP A 89 29.28 -9.43 -7.58
N ILE A 90 28.71 -8.60 -8.45
CA ILE A 90 27.55 -7.80 -8.14
C ILE A 90 26.38 -8.29 -8.97
N PHE A 91 25.28 -8.64 -8.31
CA PHE A 91 24.07 -9.11 -8.96
C PHE A 91 22.94 -8.11 -8.66
N GLY A 92 22.33 -7.58 -9.71
CA GLY A 92 21.25 -6.62 -9.52
C GLY A 92 20.57 -6.30 -10.84
N THR A 93 19.39 -5.70 -10.73
CA THR A 93 18.62 -5.35 -11.92
C THR A 93 19.09 -4.03 -12.51
N THR A 94 19.00 -2.95 -11.74
CA THR A 94 19.39 -1.62 -12.20
C THR A 94 20.59 -1.04 -11.47
N LEU A 95 21.06 -1.69 -10.40
CA LEU A 95 22.25 -1.28 -9.64
C LEU A 95 22.11 0.14 -9.09
N ASP A 96 21.09 0.32 -8.26
CA ASP A 96 20.84 1.61 -7.63
C ASP A 96 20.08 1.37 -6.33
N SER A 97 19.71 2.47 -5.66
CA SER A 97 18.97 2.38 -4.40
C SER A 97 17.51 2.00 -4.59
N LYS A 98 16.99 2.05 -5.82
CA LYS A 98 15.60 1.70 -6.08
C LYS A 98 15.36 0.19 -6.07
N THR A 99 16.41 -0.62 -6.13
CA THR A 99 16.29 -2.07 -6.15
C THR A 99 17.27 -2.67 -5.16
N GLN A 100 17.11 -3.97 -4.90
CA GLN A 100 17.97 -4.71 -3.99
C GLN A 100 19.04 -5.42 -4.80
N SER A 101 20.30 -5.27 -4.38
CA SER A 101 21.44 -5.83 -5.09
C SER A 101 22.38 -6.51 -4.10
N LEU A 102 23.01 -7.60 -4.56
CA LEU A 102 23.93 -8.36 -3.73
C LEU A 102 25.30 -7.68 -3.68
N LEU A 103 26.11 -8.12 -2.73
CA LEU A 103 27.47 -7.59 -2.58
C LEU A 103 28.29 -8.66 -1.88
N ILE A 104 29.24 -9.26 -2.60
CA ILE A 104 30.11 -10.30 -2.06
C ILE A 104 31.54 -9.79 -2.06
N VAL A 105 32.13 -9.71 -0.86
CA VAL A 105 33.51 -9.28 -0.70
C VAL A 105 34.18 -10.22 0.30
N ASN A 106 35.42 -10.61 0.00
CA ASN A 106 36.20 -11.50 0.86
C ASN A 106 37.49 -10.78 1.25
N ASN A 107 37.46 -10.11 2.41
CA ASN A 107 38.61 -9.37 2.89
C ASN A 107 39.58 -10.32 3.60
N ALA A 108 40.56 -9.76 4.31
CA ALA A 108 41.62 -10.55 4.91
C ALA A 108 41.16 -11.36 6.12
N THR A 109 39.95 -11.14 6.62
CA THR A 109 39.48 -11.78 7.85
C THR A 109 38.42 -12.84 7.61
N ASN A 110 37.32 -12.51 6.96
CA ASN A 110 36.21 -13.43 6.80
C ASN A 110 35.48 -13.12 5.50
N VAL A 111 34.30 -13.69 5.34
CA VAL A 111 33.44 -13.48 4.18
C VAL A 111 32.07 -13.05 4.67
N VAL A 112 31.57 -11.92 4.17
CA VAL A 112 30.27 -11.38 4.55
C VAL A 112 29.41 -11.26 3.30
N ILE A 113 28.14 -11.64 3.42
CA ILE A 113 27.16 -11.53 2.35
C ILE A 113 26.09 -10.55 2.82
N LYS A 114 26.01 -9.41 2.15
CA LYS A 114 25.07 -8.35 2.51
C LYS A 114 24.29 -7.93 1.28
N VAL A 115 22.96 -7.86 1.42
CA VAL A 115 22.09 -7.35 0.37
C VAL A 115 21.36 -6.13 0.90
N CYS A 116 21.47 -5.02 0.17
CA CYS A 116 20.84 -3.75 0.55
C CYS A 116 20.53 -2.99 -0.73
N GLU A 117 20.22 -1.70 -0.56
CA GLU A 117 19.98 -0.79 -1.68
C GLU A 117 21.26 -0.03 -2.02
N PHE A 118 22.28 -0.80 -2.38
CA PHE A 118 23.60 -0.23 -2.65
C PHE A 118 23.55 0.65 -3.89
N GLN A 119 24.04 1.88 -3.75
CA GLN A 119 24.11 2.85 -4.85
C GLN A 119 25.50 2.71 -5.47
N PHE A 120 25.64 1.76 -6.39
CA PHE A 120 26.90 1.57 -7.07
C PHE A 120 27.20 2.74 -8.00
N CYS A 121 28.45 3.20 -7.98
CA CYS A 121 28.87 4.32 -8.80
C CYS A 121 29.05 3.84 -10.26
N ASN A 122 29.64 4.68 -11.09
CA ASN A 122 29.90 4.27 -12.47
C ASN A 122 30.96 3.17 -12.52
N ASP A 123 31.97 3.26 -11.64
CA ASP A 123 33.14 2.38 -11.70
C ASP A 123 33.46 1.87 -10.30
N PRO A 124 32.79 0.80 -9.84
CA PRO A 124 33.08 0.25 -8.52
C PRO A 124 34.24 -0.75 -8.58
N PHE A 125 35.16 -0.63 -7.63
CA PHE A 125 36.31 -1.53 -7.53
C PHE A 125 36.84 -1.51 -6.10
N LEU A 126 37.93 -2.25 -5.88
CA LEU A 126 38.53 -2.37 -4.57
C LEU A 126 40.04 -2.10 -4.67
N ASP A 127 40.62 -1.70 -3.54
CA ASP A 127 42.05 -1.45 -3.45
C ASP A 127 42.67 -2.19 -2.28
N MET A 135 48.52 -4.32 1.53
CA MET A 135 47.36 -4.33 2.41
C MET A 135 46.15 -3.68 1.72
N GLU A 136 44.96 -4.07 2.13
CA GLU A 136 43.71 -3.54 1.59
C GLU A 136 42.97 -2.79 2.68
N SER A 137 42.70 -1.51 2.44
CA SER A 137 41.98 -0.69 3.42
C SER A 137 40.98 0.26 2.77
N GLU A 138 40.69 0.10 1.48
CA GLU A 138 39.76 0.96 0.76
C GLU A 138 38.67 0.12 0.12
N PHE A 139 37.41 0.49 0.37
CA PHE A 139 36.25 -0.22 -0.16
C PHE A 139 35.28 0.81 -0.71
N ARG A 140 35.42 1.14 -1.99
CA ARG A 140 34.54 2.09 -2.66
C ARG A 140 33.55 1.29 -3.53
N VAL A 141 32.50 0.79 -2.88
CA VAL A 141 31.49 -0.01 -3.55
C VAL A 141 30.10 0.62 -3.46
N TYR A 142 29.75 1.21 -2.32
CA TYR A 142 28.41 1.77 -2.14
C TYR A 142 28.50 3.03 -1.27
N SER A 143 27.49 3.88 -1.42
CA SER A 143 27.43 5.11 -0.63
C SER A 143 26.82 4.85 0.75
N SER A 144 25.55 4.44 0.78
CA SER A 144 24.84 4.22 2.04
C SER A 144 23.58 3.42 1.76
N ALA A 145 22.94 2.96 2.84
CA ALA A 145 21.67 2.27 2.76
C ALA A 145 20.90 2.55 4.05
N ASN A 146 19.57 2.47 3.97
CA ASN A 146 18.75 2.82 5.12
C ASN A 146 17.76 1.73 5.52
N ASN A 147 17.24 0.98 4.54
CA ASN A 147 16.19 -0.02 4.80
C ASN A 147 16.61 -1.36 4.19
N CYS A 148 17.36 -2.15 4.95
CA CYS A 148 17.70 -3.50 4.55
C CYS A 148 17.95 -4.33 5.81
N THR A 149 17.58 -5.61 5.74
CA THR A 149 17.61 -6.49 6.90
C THR A 149 18.50 -7.70 6.74
N PHE A 150 18.52 -8.32 5.58
CA PHE A 150 19.23 -9.60 5.41
C PHE A 150 20.73 -9.38 5.36
N GLU A 151 21.45 -9.97 6.31
CA GLU A 151 22.90 -9.94 6.35
C GLU A 151 23.41 -11.33 6.73
N TYR A 152 24.45 -11.79 6.04
CA TYR A 152 24.99 -13.12 6.27
C TYR A 152 26.51 -13.07 6.34
N VAL A 153 27.08 -13.89 7.22
CA VAL A 153 28.52 -14.06 7.35
C VAL A 153 28.85 -15.52 7.14
N SER A 154 29.83 -15.81 6.28
CA SER A 154 30.17 -17.16 5.91
C SER A 154 31.67 -17.38 6.08
N GLN A 155 32.06 -18.65 6.03
CA GLN A 155 33.46 -19.03 6.14
C GLN A 155 34.23 -18.59 4.89
N PRO A 156 35.54 -18.37 5.01
CA PRO A 156 36.33 -18.02 3.82
C PRO A 156 36.39 -19.17 2.84
N PHE A 157 36.00 -18.89 1.59
CA PHE A 157 35.95 -19.91 0.55
C PHE A 157 37.31 -20.20 -0.07
N LEU A 158 38.31 -19.35 0.17
CA LEU A 158 39.63 -19.54 -0.41
C LEU A 158 40.67 -19.86 0.66
N ASN A 167 54.32 -18.34 -12.58
CA ASN A 167 53.47 -19.39 -13.15
C ASN A 167 52.22 -19.60 -12.30
N PHE A 168 51.05 -19.54 -12.94
CA PHE A 168 49.80 -19.73 -12.24
C PHE A 168 49.62 -21.20 -11.86
N LYS A 169 49.10 -21.43 -10.66
CA LYS A 169 48.91 -22.79 -10.17
C LYS A 169 47.54 -23.00 -9.52
N ASN A 170 46.60 -22.07 -9.66
CA ASN A 170 45.30 -22.17 -9.02
C ASN A 170 44.20 -21.87 -10.03
N LEU A 171 43.13 -22.67 -10.00
CA LEU A 171 41.99 -22.49 -10.88
C LEU A 171 40.72 -22.66 -10.06
N ARG A 172 39.72 -21.83 -10.35
CA ARG A 172 38.45 -21.85 -9.64
C ARG A 172 37.30 -21.92 -10.63
N GLU A 173 36.25 -22.67 -10.27
CA GLU A 173 35.04 -22.79 -11.06
C GLU A 173 33.84 -22.41 -10.21
N PHE A 174 32.99 -21.54 -10.75
CA PHE A 174 31.80 -21.06 -10.04
C PHE A 174 30.60 -21.14 -10.98
N VAL A 175 29.50 -21.66 -10.46
CA VAL A 175 28.23 -21.72 -11.18
C VAL A 175 27.15 -21.13 -10.29
N PHE A 176 26.43 -20.13 -10.81
CA PHE A 176 25.37 -19.45 -10.07
C PHE A 176 24.04 -19.69 -10.77
N LYS A 177 23.04 -20.13 -10.01
CA LYS A 177 21.71 -20.40 -10.53
C LYS A 177 20.68 -19.68 -9.68
N ASN A 178 19.63 -19.17 -10.33
CA ASN A 178 18.54 -18.46 -9.66
C ASN A 178 17.23 -19.09 -10.11
N ILE A 179 16.82 -20.15 -9.40
CA ILE A 179 15.57 -20.84 -9.68
C ILE A 179 14.80 -21.00 -8.38
N ASP A 180 13.48 -20.71 -8.44
CA ASP A 180 12.57 -20.80 -7.29
C ASP A 180 13.04 -19.93 -6.12
N GLY A 181 13.63 -18.78 -6.43
CA GLY A 181 14.13 -17.88 -5.40
C GLY A 181 15.26 -18.45 -4.58
N TYR A 182 16.14 -19.24 -5.19
CA TYR A 182 17.26 -19.86 -4.52
C TYR A 182 18.57 -19.43 -5.19
N PHE A 183 19.56 -19.10 -4.37
CA PHE A 183 20.88 -18.68 -4.84
C PHE A 183 21.89 -19.72 -4.37
N LYS A 184 22.23 -20.65 -5.26
CA LYS A 184 23.17 -21.72 -4.96
C LYS A 184 24.54 -21.38 -5.56
N ILE A 185 25.56 -21.39 -4.72
CA ILE A 185 26.94 -21.15 -5.15
C ILE A 185 27.69 -22.47 -5.21
N TYR A 186 28.51 -22.64 -6.24
CA TYR A 186 29.29 -23.84 -6.45
C TYR A 186 30.77 -23.48 -6.41
N SER A 187 31.54 -24.22 -5.61
CA SER A 187 32.96 -23.96 -5.44
C SER A 187 33.75 -25.25 -5.59
N LYS A 188 34.94 -25.13 -6.17
CA LYS A 188 35.84 -26.28 -6.34
C LYS A 188 37.25 -25.76 -6.46
N HIS A 189 38.15 -26.29 -5.63
CA HIS A 189 39.56 -25.90 -5.62
C HIS A 189 40.42 -27.07 -6.04
N THR A 190 41.25 -26.86 -7.06
CA THR A 190 42.16 -27.90 -7.55
C THR A 190 43.35 -27.25 -8.22
N PRO A 191 44.54 -27.84 -8.11
CA PRO A 191 45.71 -27.28 -8.81
C PRO A 191 45.68 -27.63 -10.29
N ILE A 192 46.55 -26.94 -11.03
CA ILE A 192 46.67 -27.17 -12.46
C ILE A 192 48.10 -27.54 -12.81
N ASP A 199 45.43 -20.27 -21.51
CA ASP A 199 44.32 -20.99 -22.13
C ASP A 199 43.64 -21.90 -21.13
N LEU A 200 42.40 -22.27 -21.43
CA LEU A 200 41.64 -23.16 -20.55
C LEU A 200 42.15 -24.59 -20.70
N PRO A 201 42.60 -25.22 -19.62
CA PRO A 201 43.05 -26.62 -19.73
C PRO A 201 41.89 -27.57 -19.99
N GLN A 202 42.20 -28.67 -20.65
CA GLN A 202 41.21 -29.70 -20.98
C GLN A 202 41.26 -30.79 -19.93
N GLY A 203 40.13 -31.03 -19.27
CA GLY A 203 40.07 -32.05 -18.24
C GLY A 203 38.68 -32.12 -17.65
N PHE A 204 38.52 -33.05 -16.71
CA PHE A 204 37.25 -33.28 -16.04
C PHE A 204 37.44 -33.16 -14.53
N SER A 205 36.47 -32.53 -13.88
CA SER A 205 36.52 -32.35 -12.43
C SER A 205 35.10 -32.27 -11.90
N ALA A 206 34.96 -32.55 -10.60
CA ALA A 206 33.67 -32.49 -9.93
C ALA A 206 33.38 -31.08 -9.45
N LEU A 207 32.12 -30.85 -9.08
CA LEU A 207 31.68 -29.53 -8.61
C LEU A 207 30.55 -29.76 -7.60
N GLU A 208 30.92 -29.78 -6.31
CA GLU A 208 30.00 -30.03 -5.21
C GLU A 208 29.36 -28.74 -4.72
N PRO A 209 28.07 -28.77 -4.39
CA PRO A 209 27.43 -27.58 -3.81
C PRO A 209 27.99 -27.26 -2.43
N LEU A 210 28.04 -25.96 -2.12
CA LEU A 210 28.61 -25.51 -0.85
C LEU A 210 27.57 -24.81 0.02
N VAL A 211 26.92 -23.76 -0.47
CA VAL A 211 26.02 -22.94 0.33
C VAL A 211 24.76 -22.67 -0.48
N ASP A 212 23.59 -22.95 0.12
CA ASP A 212 22.29 -22.61 -0.45
C ASP A 212 21.73 -21.42 0.30
N LEU A 213 21.38 -20.37 -0.42
CA LEU A 213 20.89 -19.13 0.18
C LEU A 213 19.60 -18.73 -0.53
N PRO A 214 18.47 -18.63 0.18
CA PRO A 214 17.21 -18.20 -0.45
C PRO A 214 17.03 -16.68 -0.47
N ILE A 215 17.71 -16.04 -1.43
CA ILE A 215 17.66 -14.58 -1.50
C ILE A 215 16.29 -14.09 -1.97
N GLY A 216 15.67 -14.79 -2.92
CA GLY A 216 14.36 -14.42 -3.41
C GLY A 216 14.27 -13.04 -4.03
N ILE A 217 15.23 -12.71 -4.91
CA ILE A 217 15.29 -11.39 -5.53
C ILE A 217 15.41 -11.56 -7.04
N ASN A 218 15.01 -10.51 -7.76
CA ASN A 218 15.09 -10.50 -9.21
C ASN A 218 16.50 -10.11 -9.66
N ILE A 219 17.10 -10.94 -10.50
CA ILE A 219 18.43 -10.70 -11.04
C ILE A 219 18.34 -10.77 -12.56
N THR A 220 18.75 -9.71 -13.24
CA THR A 220 18.74 -9.66 -14.69
C THR A 220 20.04 -9.14 -15.29
N ARG A 221 20.99 -8.71 -14.47
CA ARG A 221 22.26 -8.19 -14.95
C ARG A 221 23.33 -8.46 -13.90
N PHE A 222 24.59 -8.51 -14.34
CA PHE A 222 25.69 -8.81 -13.44
C PHE A 222 26.95 -8.10 -13.89
N GLN A 223 27.89 -7.95 -12.95
CA GLN A 223 29.20 -7.38 -13.23
C GLN A 223 30.19 -7.97 -12.24
N THR A 224 31.48 -7.87 -12.59
CA THR A 224 32.55 -8.45 -11.79
C THR A 224 33.28 -7.36 -11.01
N LEU A 225 34.20 -7.80 -10.15
CA LEU A 225 35.03 -6.90 -9.35
C LEU A 225 36.49 -7.16 -9.65
N LEU A 226 37.26 -6.06 -9.74
CA LEU A 226 38.69 -6.12 -9.95
C LEU A 226 39.38 -5.34 -8.84
N ALA A 227 40.46 -5.90 -8.31
CA ALA A 227 41.24 -5.28 -7.25
C ALA A 227 42.50 -4.66 -7.84
N LEU A 228 42.77 -3.42 -7.46
CA LEU A 228 43.90 -2.67 -7.99
C LEU A 228 44.89 -2.39 -6.85
N HIS A 229 46.16 -2.66 -7.11
CA HIS A 229 47.22 -2.49 -6.11
C HIS A 229 48.00 -1.22 -6.41
N ARG A 230 48.12 -0.35 -5.42
CA ARG A 230 48.86 0.90 -5.59
C ARG A 230 50.36 0.62 -5.53
N SER A 231 51.14 1.47 -6.20
CA SER A 231 52.58 1.30 -6.25
C SER A 231 53.29 2.48 -5.59
N GLY A 241 50.63 3.15 -9.33
CA GLY A 241 49.37 3.14 -8.60
C GLY A 241 48.24 2.47 -9.36
N TRP A 242 47.41 1.72 -8.63
CA TRP A 242 46.26 1.00 -9.18
C TRP A 242 46.69 0.04 -10.29
N THR A 243 47.53 -0.91 -9.89
CA THR A 243 48.10 -1.89 -10.80
C THR A 243 47.36 -3.22 -10.68
N ALA A 244 47.06 -3.81 -11.84
CA ALA A 244 46.37 -5.10 -11.92
C ALA A 244 47.32 -6.14 -12.48
N GLY A 245 47.41 -7.29 -11.80
CA GLY A 245 48.29 -8.35 -12.24
C GLY A 245 47.71 -9.19 -13.35
N ALA A 246 48.49 -10.17 -13.79
CA ALA A 246 48.08 -11.05 -14.88
C ALA A 246 47.03 -12.04 -14.44
N ALA A 247 45.76 -11.73 -14.70
CA ALA A 247 44.65 -12.59 -14.34
C ALA A 247 43.66 -12.66 -15.50
N ALA A 248 42.88 -13.74 -15.52
CA ALA A 248 41.89 -13.94 -16.57
C ALA A 248 40.68 -14.66 -15.99
N TYR A 249 39.52 -14.42 -16.59
CA TYR A 249 38.29 -15.08 -16.16
C TYR A 249 37.38 -15.25 -17.36
N TYR A 250 36.50 -16.24 -17.28
CA TYR A 250 35.60 -16.60 -18.36
C TYR A 250 34.16 -16.45 -17.91
N VAL A 251 33.30 -16.04 -18.84
CA VAL A 251 31.87 -15.90 -18.61
C VAL A 251 31.14 -16.75 -19.64
N GLY A 252 30.23 -17.61 -19.18
CA GLY A 252 29.52 -18.51 -20.04
C GLY A 252 28.02 -18.47 -19.76
N TYR A 253 27.27 -19.13 -20.66
CA TYR A 253 25.83 -19.19 -20.57
C TYR A 253 25.38 -20.65 -20.38
N LEU A 254 24.21 -20.81 -19.78
CA LEU A 254 23.65 -22.12 -19.48
C LEU A 254 22.37 -22.34 -20.26
N GLN A 255 22.20 -23.56 -20.78
CA GLN A 255 21.04 -23.93 -21.57
C GLN A 255 20.49 -25.26 -21.05
N PRO A 256 19.18 -25.46 -21.14
CA PRO A 256 18.59 -26.73 -20.68
C PRO A 256 18.93 -27.88 -21.64
N ARG A 257 19.56 -28.91 -21.09
CA ARG A 257 19.96 -30.06 -21.90
C ARG A 257 20.15 -31.26 -20.97
N THR A 258 19.72 -32.42 -21.42
CA THR A 258 19.89 -33.65 -20.66
C THR A 258 21.33 -34.14 -20.76
N PHE A 259 21.85 -34.65 -19.65
CA PHE A 259 23.23 -35.13 -19.57
C PHE A 259 23.25 -36.49 -18.89
N LEU A 260 24.29 -37.26 -19.20
CA LEU A 260 24.50 -38.59 -18.64
C LEU A 260 25.75 -38.59 -17.77
N LEU A 261 25.63 -39.15 -16.57
CA LEU A 261 26.73 -39.20 -15.61
C LEU A 261 27.04 -40.66 -15.30
N LYS A 262 28.34 -40.99 -15.31
CA LYS A 262 28.81 -42.34 -15.02
C LYS A 262 29.64 -42.32 -13.74
N TYR A 263 29.34 -43.25 -12.84
CA TYR A 263 30.02 -43.35 -11.56
C TYR A 263 30.78 -44.67 -11.48
N ASN A 264 31.41 -44.91 -10.33
CA ASN A 264 32.17 -46.13 -10.11
C ASN A 264 31.98 -46.55 -8.65
N GLU A 265 32.78 -47.54 -8.22
CA GLU A 265 32.67 -48.03 -6.85
C GLU A 265 33.22 -47.03 -5.85
N ASN A 266 34.24 -46.25 -6.24
CA ASN A 266 34.84 -45.30 -5.32
C ASN A 266 33.94 -44.11 -5.01
N GLY A 267 32.93 -43.85 -5.85
CA GLY A 267 32.00 -42.78 -5.59
C GLY A 267 32.44 -41.45 -6.16
N THR A 268 32.90 -41.45 -7.41
CA THR A 268 33.33 -40.23 -8.08
C THR A 268 32.82 -40.25 -9.52
N ILE A 269 32.75 -39.06 -10.11
CA ILE A 269 32.28 -38.90 -11.49
C ILE A 269 33.48 -39.02 -12.41
N THR A 270 33.43 -39.95 -13.36
CA THR A 270 34.52 -40.20 -14.27
C THR A 270 34.39 -39.38 -15.56
N ASP A 271 33.23 -39.46 -16.21
CA ASP A 271 33.00 -38.75 -17.46
C ASP A 271 31.53 -38.38 -17.57
N ALA A 272 31.25 -37.38 -18.40
CA ALA A 272 29.89 -36.90 -18.62
C ALA A 272 29.63 -36.80 -20.12
N VAL A 273 28.38 -37.06 -20.50
CA VAL A 273 27.99 -37.02 -21.90
C VAL A 273 27.01 -35.87 -22.13
N ASN A 318 -21.86 -6.67 -31.03
CA ASN A 318 -22.73 -6.46 -29.88
C ASN A 318 -22.04 -5.59 -28.82
N LEU A 319 -22.05 -4.29 -29.04
CA LEU A 319 -21.43 -3.33 -28.13
C LEU A 319 -22.48 -2.33 -27.65
N CYS A 320 -22.33 -1.90 -26.40
CA CYS A 320 -23.27 -0.96 -25.82
C CYS A 320 -23.03 0.45 -26.39
N PRO A 321 -24.09 1.16 -26.80
CA PRO A 321 -23.92 2.55 -27.27
C PRO A 321 -23.70 3.53 -26.12
N PHE A 322 -22.45 3.59 -25.66
CA PHE A 322 -22.10 4.45 -24.53
C PHE A 322 -22.13 5.93 -24.87
N ASP A 323 -22.19 6.29 -26.15
CA ASP A 323 -22.22 7.70 -26.52
C ASP A 323 -23.52 8.38 -26.13
N GLU A 324 -24.60 7.62 -25.93
CA GLU A 324 -25.87 8.21 -25.52
C GLU A 324 -25.80 8.76 -24.10
N VAL A 325 -25.11 8.04 -23.19
CA VAL A 325 -25.02 8.47 -21.80
C VAL A 325 -23.80 9.33 -21.53
N PHE A 326 -22.88 9.44 -22.47
CA PHE A 326 -21.67 10.24 -22.30
C PHE A 326 -21.68 11.52 -23.12
N ASN A 327 -22.70 11.74 -23.96
CA ASN A 327 -22.77 12.95 -24.77
C ASN A 327 -24.18 13.53 -24.80
N ALA A 328 -25.00 13.24 -23.79
CA ALA A 328 -26.36 13.77 -23.75
C ALA A 328 -26.34 15.26 -23.47
N THR A 329 -27.25 15.99 -24.12
CA THR A 329 -27.31 17.44 -23.94
C THR A 329 -27.80 17.81 -22.55
N ARG A 330 -28.79 17.09 -22.03
CA ARG A 330 -29.38 17.39 -20.73
C ARG A 330 -29.36 16.14 -19.86
N PHE A 331 -29.16 16.36 -18.56
CA PHE A 331 -29.15 15.30 -17.56
C PHE A 331 -30.34 15.47 -16.62
N ALA A 332 -30.40 14.59 -15.61
CA ALA A 332 -31.48 14.62 -14.64
C ALA A 332 -31.12 15.53 -13.47
N SER A 333 -32.03 15.61 -12.50
CA SER A 333 -31.81 16.44 -11.32
C SER A 333 -30.79 15.79 -10.40
N VAL A 334 -30.21 16.60 -9.51
CA VAL A 334 -29.21 16.10 -8.57
C VAL A 334 -29.86 15.14 -7.57
N TYR A 335 -30.98 15.55 -6.97
CA TYR A 335 -31.68 14.66 -6.05
C TYR A 335 -32.46 13.57 -6.78
N ALA A 336 -33.02 13.89 -7.95
CA ALA A 336 -33.73 12.90 -8.75
C ALA A 336 -32.81 12.37 -9.85
N TRP A 337 -31.80 11.63 -9.42
CA TRP A 337 -30.85 11.04 -10.35
C TRP A 337 -31.52 9.94 -11.18
N ASN A 338 -31.26 9.96 -12.47
CA ASN A 338 -31.89 9.02 -13.38
C ASN A 338 -31.33 7.61 -13.18
N ARG A 339 -32.20 6.61 -13.29
CA ARG A 339 -31.83 5.21 -13.16
C ARG A 339 -31.92 4.55 -14.53
N LYS A 340 -30.82 3.97 -14.98
CA LYS A 340 -30.75 3.32 -16.28
C LYS A 340 -30.10 1.95 -16.14
N ARG A 341 -30.54 1.02 -16.99
CA ARG A 341 -30.02 -0.34 -17.00
C ARG A 341 -29.81 -0.77 -18.44
N ILE A 342 -28.55 -0.88 -18.85
CA ILE A 342 -28.17 -1.30 -20.19
C ILE A 342 -27.24 -2.50 -20.08
N SER A 343 -27.51 -3.54 -20.84
CA SER A 343 -26.77 -4.79 -20.74
C SER A 343 -26.80 -5.49 -22.10
N ASN A 344 -26.42 -6.78 -22.10
CA ASN A 344 -26.39 -7.63 -23.28
C ASN A 344 -25.46 -7.06 -24.35
N CYS A 345 -24.20 -6.86 -23.97
CA CYS A 345 -23.18 -6.32 -24.84
C CYS A 345 -21.81 -6.68 -24.27
N VAL A 346 -20.76 -6.07 -24.81
CA VAL A 346 -19.40 -6.27 -24.34
C VAL A 346 -18.91 -4.97 -23.71
N ALA A 347 -17.93 -5.10 -22.81
CA ALA A 347 -17.36 -3.96 -22.09
C ALA A 347 -16.12 -3.49 -22.83
N ASP A 348 -16.27 -2.45 -23.65
CA ASP A 348 -15.16 -1.85 -24.39
C ASP A 348 -14.73 -0.57 -23.67
N TYR A 349 -13.92 -0.76 -22.62
CA TYR A 349 -13.48 0.37 -21.81
C TYR A 349 -12.40 1.20 -22.50
N SER A 350 -11.74 0.64 -23.53
CA SER A 350 -10.71 1.38 -24.25
C SER A 350 -11.29 2.51 -25.09
N VAL A 351 -12.61 2.50 -25.34
CA VAL A 351 -13.23 3.56 -26.11
C VAL A 351 -13.21 4.87 -25.32
N LEU A 352 -13.61 4.81 -24.05
CA LEU A 352 -13.59 5.99 -23.19
C LEU A 352 -12.32 6.11 -22.37
N TYR A 353 -11.41 5.15 -22.47
CA TYR A 353 -10.14 5.25 -21.74
C TYR A 353 -9.23 6.29 -22.35
N ASN A 354 -9.33 6.54 -23.66
CA ASN A 354 -8.46 7.46 -24.37
C ASN A 354 -9.11 8.81 -24.63
N LEU A 355 -10.24 9.10 -23.98
CA LEU A 355 -10.92 10.38 -24.18
C LEU A 355 -10.10 11.53 -23.61
N ALA A 356 -10.17 12.67 -24.28
CA ALA A 356 -9.40 13.86 -23.92
C ALA A 356 -9.96 14.65 -22.74
N PRO A 357 -11.24 15.08 -22.74
CA PRO A 357 -11.65 16.09 -21.74
C PRO A 357 -11.60 15.62 -20.30
N PHE A 358 -11.87 14.35 -20.02
CA PHE A 358 -11.94 13.89 -18.64
C PHE A 358 -10.54 13.68 -18.06
N PHE A 359 -10.38 14.02 -16.79
CA PHE A 359 -9.10 13.91 -16.11
C PHE A 359 -9.15 13.12 -14.81
N THR A 360 -10.33 12.67 -14.39
CA THR A 360 -10.49 11.94 -13.14
C THR A 360 -10.72 10.47 -13.45
N PHE A 361 -9.89 9.61 -12.87
CA PHE A 361 -9.99 8.17 -13.07
C PHE A 361 -9.80 7.43 -11.75
N LYS A 362 -10.44 7.92 -10.69
CA LYS A 362 -10.33 7.29 -9.38
C LYS A 362 -11.09 5.97 -9.36
N CYS A 363 -10.44 4.92 -8.86
CA CYS A 363 -11.04 3.60 -8.78
C CYS A 363 -10.64 2.94 -7.46
N TYR A 364 -11.52 2.08 -6.96
CA TYR A 364 -11.27 1.36 -5.73
C TYR A 364 -11.68 -0.10 -5.91
N GLY A 365 -10.97 -0.98 -5.21
CA GLY A 365 -11.29 -2.39 -5.24
C GLY A 365 -10.63 -3.14 -6.39
N VAL A 366 -10.95 -2.74 -7.62
CA VAL A 366 -10.45 -3.40 -8.83
C VAL A 366 -9.60 -2.40 -9.60
N SER A 367 -8.39 -2.83 -9.97
CA SER A 367 -7.51 -1.96 -10.74
C SER A 367 -8.04 -1.77 -12.16
N PRO A 368 -7.81 -0.59 -12.74
CA PRO A 368 -8.27 -0.36 -14.12
C PRO A 368 -7.63 -1.28 -15.15
N THR A 369 -6.38 -1.70 -14.93
CA THR A 369 -5.72 -2.61 -15.87
C THR A 369 -6.40 -3.98 -15.87
N LYS A 370 -6.78 -4.48 -14.71
CA LYS A 370 -7.46 -5.77 -14.62
C LYS A 370 -8.92 -5.68 -15.06
N LEU A 371 -9.48 -4.48 -15.13
CA LEU A 371 -10.91 -4.31 -15.40
C LEU A 371 -11.31 -4.82 -16.78
N ASN A 372 -10.37 -4.95 -17.71
CA ASN A 372 -10.64 -5.51 -19.02
C ASN A 372 -10.45 -7.03 -19.06
N ASP A 373 -10.19 -7.65 -17.91
CA ASP A 373 -9.92 -9.08 -17.84
C ASP A 373 -11.01 -9.86 -17.11
N LEU A 374 -11.37 -9.46 -15.89
CA LEU A 374 -12.34 -10.23 -15.13
C LEU A 374 -13.75 -10.01 -15.67
N CYS A 375 -14.68 -10.83 -15.19
CA CYS A 375 -16.07 -10.81 -15.63
C CYS A 375 -16.95 -10.30 -14.48
N PHE A 376 -17.83 -9.36 -14.79
CA PHE A 376 -18.76 -8.79 -13.82
C PHE A 376 -20.19 -9.11 -14.23
N THR A 377 -21.01 -9.52 -13.25
CA THR A 377 -22.37 -9.94 -13.51
C THR A 377 -23.39 -8.81 -13.38
N ASN A 378 -22.96 -7.61 -13.01
CA ASN A 378 -23.88 -6.49 -12.84
C ASN A 378 -23.20 -5.20 -13.29
N VAL A 379 -23.92 -4.42 -14.10
CA VAL A 379 -23.45 -3.12 -14.57
C VAL A 379 -24.55 -2.10 -14.33
N TYR A 380 -24.24 -1.05 -13.58
CA TYR A 380 -25.19 0.01 -13.27
C TYR A 380 -24.64 1.35 -13.71
N ALA A 381 -25.50 2.21 -14.23
CA ALA A 381 -25.12 3.53 -14.71
C ALA A 381 -25.98 4.60 -14.03
N ASP A 382 -25.33 5.69 -13.65
CA ASP A 382 -26.01 6.83 -13.03
C ASP A 382 -25.74 8.08 -13.85
N SER A 383 -26.76 8.95 -13.93
CA SER A 383 -26.68 10.18 -14.72
C SER A 383 -27.12 11.36 -13.87
N PHE A 384 -26.17 12.18 -13.46
CA PHE A 384 -26.47 13.40 -12.71
C PHE A 384 -25.32 14.37 -12.90
N VAL A 385 -25.60 15.64 -12.63
CA VAL A 385 -24.61 16.72 -12.77
C VAL A 385 -24.34 17.31 -11.39
N ILE A 386 -23.06 17.47 -11.06
CA ILE A 386 -22.63 18.05 -9.80
C ILE A 386 -21.18 18.47 -9.96
N ARG A 387 -20.73 19.40 -9.12
CA ARG A 387 -19.37 19.90 -9.21
C ARG A 387 -18.37 18.87 -8.70
N GLY A 388 -17.08 19.18 -8.87
CA GLY A 388 -16.02 18.27 -8.51
C GLY A 388 -15.85 18.04 -7.02
N ASP A 389 -16.47 18.88 -6.18
CA ASP A 389 -16.41 18.68 -4.73
C ASP A 389 -17.06 17.36 -4.33
N GLU A 390 -18.23 17.06 -4.89
CA GLU A 390 -18.86 15.77 -4.60
C GLU A 390 -18.11 14.64 -5.27
N VAL A 391 -17.44 14.92 -6.39
CA VAL A 391 -16.61 13.91 -7.06
C VAL A 391 -15.47 13.48 -6.15
N ARG A 392 -14.85 14.44 -5.45
CA ARG A 392 -13.82 14.10 -4.47
C ARG A 392 -14.41 13.55 -3.19
N GLN A 393 -15.63 13.96 -2.82
CA GLN A 393 -16.27 13.52 -1.59
C GLN A 393 -17.01 12.20 -1.72
N ILE A 394 -16.99 11.57 -2.91
CA ILE A 394 -17.70 10.31 -3.10
C ILE A 394 -17.04 9.17 -2.33
N ALA A 395 -15.82 9.36 -1.85
CA ALA A 395 -15.16 8.33 -1.06
C ALA A 395 -15.88 8.17 0.28
N PRO A 396 -16.00 6.93 0.79
CA PRO A 396 -16.74 6.72 2.05
C PRO A 396 -16.03 7.25 3.28
N GLY A 397 -14.76 7.63 3.19
CA GLY A 397 -14.03 8.11 4.35
C GLY A 397 -14.36 9.53 4.77
N GLN A 398 -15.14 10.25 3.98
CA GLN A 398 -15.53 11.62 4.29
C GLN A 398 -17.01 11.80 4.02
N THR A 399 -17.61 12.76 4.71
CA THR A 399 -19.04 13.02 4.65
C THR A 399 -19.31 14.44 4.13
N GLY A 400 -20.59 14.79 4.09
CA GLY A 400 -21.00 16.09 3.61
C GLY A 400 -22.51 16.19 3.66
N ASN A 401 -23.02 17.36 3.26
CA ASN A 401 -24.46 17.55 3.20
C ASN A 401 -25.09 16.64 2.15
N ILE A 402 -24.55 16.68 0.93
CA ILE A 402 -25.02 15.79 -0.14
C ILE A 402 -24.63 14.35 0.18
N ALA A 403 -23.46 14.16 0.80
CA ALA A 403 -22.96 12.83 1.11
C ALA A 403 -23.70 12.17 2.27
N ASP A 404 -24.57 12.89 2.97
CA ASP A 404 -25.33 12.29 4.07
C ASP A 404 -26.84 12.38 3.89
N TYR A 405 -27.36 13.40 3.20
CA TYR A 405 -28.80 13.57 3.06
C TYR A 405 -29.31 13.38 1.65
N ASN A 406 -28.44 13.27 0.66
CA ASN A 406 -28.86 13.10 -0.73
C ASN A 406 -28.39 11.78 -1.33
N TYR A 407 -27.10 11.47 -1.23
CA TYR A 407 -26.55 10.25 -1.82
C TYR A 407 -25.25 9.91 -1.13
N LYS A 408 -25.13 8.65 -0.67
CA LYS A 408 -23.93 8.18 -0.01
C LYS A 408 -23.49 6.87 -0.65
N LEU A 409 -22.19 6.59 -0.52
CA LEU A 409 -21.58 5.40 -1.09
C LEU A 409 -21.51 4.27 -0.06
N PRO A 410 -21.83 3.05 -0.47
CA PRO A 410 -21.71 1.92 0.46
C PRO A 410 -20.25 1.63 0.80
N ASP A 411 -20.06 1.04 1.98
CA ASP A 411 -18.71 0.77 2.46
C ASP A 411 -18.01 -0.30 1.64
N ASP A 412 -18.77 -1.22 1.05
CA ASP A 412 -18.22 -2.31 0.25
C ASP A 412 -18.29 -2.01 -1.25
N PHE A 413 -18.10 -0.75 -1.62
CA PHE A 413 -18.17 -0.36 -3.03
C PHE A 413 -16.93 -0.84 -3.76
N THR A 414 -17.14 -1.35 -4.98
CA THR A 414 -16.05 -1.83 -5.82
C THR A 414 -16.04 -1.17 -7.20
N GLY A 415 -16.86 -0.16 -7.42
CA GLY A 415 -16.98 0.49 -8.72
C GLY A 415 -16.06 1.69 -8.87
N CYS A 416 -16.36 2.50 -9.88
CA CYS A 416 -15.57 3.68 -10.20
C CYS A 416 -16.50 4.82 -10.56
N VAL A 417 -15.99 6.04 -10.45
CA VAL A 417 -16.72 7.26 -10.77
C VAL A 417 -15.91 8.07 -11.78
N ILE A 418 -16.59 8.55 -12.81
CA ILE A 418 -15.96 9.32 -13.89
C ILE A 418 -16.67 10.67 -14.00
N ALA A 419 -15.89 11.75 -14.00
CA ALA A 419 -16.43 13.09 -14.13
C ALA A 419 -15.53 13.91 -15.05
N TRP A 420 -16.13 14.91 -15.70
CA TRP A 420 -15.40 15.79 -16.59
C TRP A 420 -16.06 17.17 -16.61
N ASN A 421 -15.26 18.17 -16.97
CA ASN A 421 -15.76 19.54 -17.01
C ASN A 421 -16.66 19.74 -18.23
N SER A 422 -17.70 20.54 -18.05
CA SER A 422 -18.68 20.86 -19.10
C SER A 422 -18.96 22.36 -19.12
N ASN A 423 -17.89 23.17 -19.07
CA ASN A 423 -18.04 24.61 -19.07
C ASN A 423 -18.45 25.18 -20.42
N LYS A 424 -18.34 24.40 -21.50
CA LYS A 424 -18.72 24.89 -22.80
C LYS A 424 -20.23 25.01 -22.99
N LEU A 425 -21.01 24.30 -22.16
CA LEU A 425 -22.47 24.33 -22.25
C LEU A 425 -23.04 24.48 -20.85
N ASP A 426 -24.38 24.43 -20.77
CA ASP A 426 -25.13 24.57 -19.52
C ASP A 426 -24.80 25.87 -18.80
N SER A 427 -24.66 26.95 -19.57
CA SER A 427 -24.36 28.27 -19.00
C SER A 427 -25.00 29.31 -19.91
N LYS A 428 -26.18 29.79 -19.52
CA LYS A 428 -26.91 30.78 -20.31
C LYS A 428 -26.57 32.18 -19.81
N VAL A 429 -27.31 33.18 -20.30
CA VAL A 429 -27.10 34.55 -19.87
C VAL A 429 -27.53 34.72 -18.41
N SER A 430 -28.67 34.15 -18.04
CA SER A 430 -29.16 34.18 -16.68
C SER A 430 -28.86 32.86 -15.98
N GLY A 431 -29.21 32.78 -14.70
CA GLY A 431 -29.00 31.56 -13.95
C GLY A 431 -29.94 30.45 -14.35
N ASN A 432 -29.50 29.22 -14.07
CA ASN A 432 -30.26 28.02 -14.40
C ASN A 432 -30.88 27.45 -13.13
N TYR A 433 -32.20 27.24 -13.16
CA TYR A 433 -32.94 26.73 -12.01
C TYR A 433 -33.50 25.32 -12.25
N ASN A 434 -32.93 24.60 -13.21
CA ASN A 434 -33.45 23.30 -13.60
C ASN A 434 -32.87 22.15 -12.78
N TYR A 435 -31.87 22.41 -11.93
CA TYR A 435 -31.25 21.38 -11.12
C TYR A 435 -31.41 21.74 -9.64
N LEU A 436 -31.94 20.80 -8.87
CA LEU A 436 -32.18 21.00 -7.44
C LEU A 436 -31.66 19.79 -6.67
N TYR A 437 -31.38 20.00 -5.39
CA TYR A 437 -30.88 18.93 -4.54
C TYR A 437 -31.38 19.14 -3.12
N ARG A 438 -31.44 18.04 -2.37
CA ARG A 438 -31.94 18.05 -1.01
C ARG A 438 -30.91 18.64 -0.05
N LEU A 439 -31.40 19.25 1.02
CA LEU A 439 -30.56 19.90 2.02
C LEU A 439 -30.71 19.32 3.42
N PHE A 440 -31.93 19.01 3.84
CA PHE A 440 -32.21 18.59 5.21
C PHE A 440 -32.86 17.22 5.22
N ARG A 441 -32.44 16.38 6.17
CA ARG A 441 -33.05 15.08 6.39
C ARG A 441 -32.90 14.72 7.86
N LYS A 442 -33.85 13.93 8.37
CA LYS A 442 -33.86 13.57 9.78
C LYS A 442 -32.69 12.64 10.12
N SER A 443 -32.41 11.68 9.25
CA SER A 443 -31.37 10.69 9.52
C SER A 443 -30.59 10.45 8.24
N ASN A 444 -29.75 9.41 8.25
CA ASN A 444 -28.94 9.07 7.09
C ASN A 444 -29.81 8.44 6.01
N LEU A 445 -29.24 8.35 4.80
CA LEU A 445 -29.94 7.83 3.64
C LEU A 445 -29.30 6.53 3.18
N LYS A 446 -30.12 5.52 2.93
CA LYS A 446 -29.63 4.23 2.46
C LYS A 446 -29.17 4.36 1.01
N PRO A 447 -28.01 3.81 0.66
CA PRO A 447 -27.46 4.00 -0.69
C PRO A 447 -28.30 3.33 -1.76
N PHE A 448 -28.31 3.94 -2.94
CA PHE A 448 -29.07 3.48 -4.11
C PHE A 448 -30.56 3.37 -3.79
N GLU A 449 -31.10 4.41 -3.17
CA GLU A 449 -32.51 4.48 -2.81
C GLU A 449 -33.15 5.70 -3.47
N ARG A 450 -34.39 5.54 -3.93
CA ARG A 450 -35.11 6.62 -4.59
C ARG A 450 -35.98 7.34 -3.57
N ASP A 451 -35.76 8.64 -3.41
CA ASP A 451 -36.51 9.46 -2.47
C ASP A 451 -37.00 10.71 -3.18
N ILE A 452 -38.25 11.07 -2.93
CA ILE A 452 -38.88 12.24 -3.53
C ILE A 452 -39.00 13.32 -2.46
N SER A 453 -38.41 14.48 -2.71
CA SER A 453 -38.42 15.60 -1.77
C SER A 453 -39.50 16.57 -2.23
N THR A 454 -40.74 16.31 -1.82
CA THR A 454 -41.85 17.18 -2.14
C THR A 454 -42.69 17.59 -0.94
N GLU A 455 -42.48 16.98 0.22
CA GLU A 455 -43.22 17.32 1.43
C GLU A 455 -42.57 18.49 2.17
N ILE A 456 -43.34 19.09 3.06
CA ILE A 456 -42.86 20.22 3.85
C ILE A 456 -41.94 19.72 4.94
N TYR A 457 -41.04 20.58 5.40
CA TYR A 457 -40.08 20.27 6.45
C TYR A 457 -40.45 21.01 7.71
N GLN A 458 -40.43 20.31 8.85
CA GLN A 458 -40.77 20.88 10.14
C GLN A 458 -39.57 20.79 11.07
N ALA A 459 -39.34 21.86 11.83
CA ALA A 459 -38.25 21.92 12.80
C ALA A 459 -38.70 22.26 14.20
N GLY A 460 -39.72 23.10 14.36
CA GLY A 460 -40.24 23.44 15.67
C GLY A 460 -41.23 22.41 16.19
N ASN A 461 -41.84 22.74 17.32
CA ASN A 461 -42.82 21.85 17.93
C ASN A 461 -44.11 21.80 17.12
N LYS A 462 -44.49 22.90 16.48
CA LYS A 462 -45.73 22.96 15.72
C LYS A 462 -45.44 22.85 14.24
N PRO A 463 -45.83 21.76 13.57
CA PRO A 463 -45.60 21.66 12.13
C PRO A 463 -46.52 22.56 11.33
N CYS A 464 -46.16 22.77 10.07
CA CYS A 464 -46.92 23.61 9.17
C CYS A 464 -47.45 22.77 8.00
N ASN A 465 -48.58 23.20 7.45
CA ASN A 465 -49.18 22.53 6.29
C ASN A 465 -48.79 23.27 5.02
N GLY A 466 -47.50 23.19 4.70
CA GLY A 466 -46.97 23.83 3.51
C GLY A 466 -46.68 25.30 3.63
N VAL A 467 -46.82 25.88 4.82
CA VAL A 467 -46.57 27.29 5.02
C VAL A 467 -45.06 27.53 5.11
N ALA A 468 -44.59 28.57 4.42
CA ALA A 468 -43.18 28.96 4.47
C ALA A 468 -42.96 29.87 5.68
N GLY A 469 -42.90 29.25 6.85
CA GLY A 469 -42.72 29.96 8.09
C GLY A 469 -41.27 30.17 8.45
N PHE A 470 -41.06 30.61 9.70
CA PHE A 470 -39.70 30.85 10.18
C PHE A 470 -38.94 29.54 10.37
N ASN A 471 -39.56 28.56 11.03
CA ASN A 471 -38.92 27.27 11.26
C ASN A 471 -39.31 26.22 10.23
N CYS A 472 -40.41 26.43 9.51
CA CYS A 472 -40.90 25.49 8.51
C CYS A 472 -40.78 26.12 7.12
N TYR A 473 -40.18 25.38 6.19
CA TYR A 473 -39.88 25.89 4.86
C TYR A 473 -39.61 24.70 3.94
N PHE A 474 -39.14 24.99 2.72
CA PHE A 474 -38.79 23.95 1.76
C PHE A 474 -37.29 23.78 1.72
N PRO A 475 -36.77 22.56 1.95
CA PRO A 475 -35.31 22.38 1.97
C PRO A 475 -34.63 22.62 0.63
N LEU A 476 -35.36 22.53 -0.48
CA LEU A 476 -34.74 22.63 -1.80
C LEU A 476 -34.23 24.04 -2.06
N ARG A 477 -33.16 24.13 -2.84
CA ARG A 477 -32.55 25.42 -3.17
C ARG A 477 -32.16 25.42 -4.65
N SER A 478 -32.07 26.62 -5.20
CA SER A 478 -31.76 26.80 -6.61
C SER A 478 -30.24 26.86 -6.83
N TYR A 479 -29.84 26.93 -8.09
CA TYR A 479 -28.43 27.00 -8.46
C TYR A 479 -28.14 28.31 -9.18
N SER A 480 -26.89 28.76 -9.06
CA SER A 480 -26.41 29.94 -9.76
C SER A 480 -25.15 29.58 -10.52
N PHE A 481 -25.14 29.84 -11.83
CA PHE A 481 -24.02 29.50 -12.70
C PHE A 481 -23.56 30.75 -13.45
N ARG A 482 -22.25 31.01 -13.39
CA ARG A 482 -21.61 32.12 -14.09
C ARG A 482 -20.30 31.63 -14.67
N PRO A 483 -19.84 32.21 -15.77
CA PRO A 483 -18.56 31.80 -16.36
C PRO A 483 -17.33 32.38 -15.69
N THR A 484 -17.46 32.96 -14.50
CA THR A 484 -16.34 33.59 -13.80
C THR A 484 -16.25 33.06 -12.36
N TYR A 485 -16.31 31.74 -12.22
CA TYR A 485 -16.09 31.11 -10.93
C TYR A 485 -14.62 30.72 -10.79
N GLY A 486 -14.31 29.96 -9.74
CA GLY A 486 -12.95 29.56 -9.45
C GLY A 486 -12.48 28.38 -10.29
N VAL A 487 -11.36 27.79 -9.85
CA VAL A 487 -10.76 26.67 -10.59
C VAL A 487 -11.66 25.44 -10.53
N GLY A 488 -12.16 25.11 -9.34
CA GLY A 488 -12.97 23.92 -9.15
C GLY A 488 -14.44 24.14 -8.86
N HIS A 489 -14.91 25.39 -8.90
CA HIS A 489 -16.31 25.70 -8.60
C HIS A 489 -17.18 25.69 -9.85
N GLN A 490 -17.14 24.60 -10.61
CA GLN A 490 -17.93 24.46 -11.81
C GLN A 490 -18.61 23.10 -11.85
N PRO A 491 -19.83 23.02 -12.39
CA PRO A 491 -20.51 21.72 -12.48
C PRO A 491 -19.80 20.78 -13.43
N TYR A 492 -19.84 19.50 -13.08
CA TYR A 492 -19.21 18.43 -13.86
C TYR A 492 -20.24 17.39 -14.23
N ARG A 493 -20.07 16.79 -15.40
CA ARG A 493 -20.92 15.68 -15.83
C ARG A 493 -20.40 14.40 -15.19
N VAL A 494 -21.15 13.86 -14.24
CA VAL A 494 -20.70 12.73 -13.42
C VAL A 494 -21.48 11.49 -13.80
N VAL A 495 -20.77 10.41 -14.07
CA VAL A 495 -21.36 9.10 -14.33
C VAL A 495 -20.74 8.11 -13.35
N VAL A 496 -21.58 7.24 -12.78
CA VAL A 496 -21.16 6.29 -11.75
C VAL A 496 -21.34 4.88 -12.28
N LEU A 497 -20.28 4.10 -12.26
CA LEU A 497 -20.30 2.69 -12.65
C LEU A 497 -20.03 1.84 -11.42
N SER A 498 -20.93 0.90 -11.13
CA SER A 498 -20.82 0.04 -9.97
C SER A 498 -20.82 -1.42 -10.41
N PHE A 499 -19.96 -2.21 -9.78
CA PHE A 499 -19.82 -3.64 -10.08
C PHE A 499 -20.25 -4.44 -8.86
N GLU A 500 -21.09 -5.44 -9.09
CA GLU A 500 -21.62 -6.29 -8.02
C GLU A 500 -21.35 -7.75 -8.35
N LEU A 501 -21.23 -8.56 -7.29
CA LEU A 501 -20.97 -9.98 -7.42
C LEU A 501 -22.23 -10.75 -7.04
N LEU A 502 -22.64 -11.68 -7.90
CA LEU A 502 -23.84 -12.46 -7.66
C LEU A 502 -23.68 -13.82 -8.34
N HIS A 503 -24.44 -14.80 -7.85
CA HIS A 503 -24.40 -16.14 -8.42
C HIS A 503 -25.11 -16.23 -9.77
N ALA A 504 -25.84 -15.20 -10.17
CA ALA A 504 -26.49 -15.20 -11.48
C ALA A 504 -25.45 -15.12 -12.59
N PRO A 505 -25.73 -15.73 -13.75
CA PRO A 505 -24.78 -15.65 -14.87
C PRO A 505 -24.64 -14.22 -15.37
N ALA A 506 -23.43 -13.90 -15.84
CA ALA A 506 -23.12 -12.55 -16.29
C ALA A 506 -23.68 -12.32 -17.69
N THR A 507 -24.47 -11.24 -17.83
CA THR A 507 -25.01 -10.88 -19.13
C THR A 507 -24.02 -10.07 -19.96
N VAL A 508 -23.03 -9.45 -19.34
CA VAL A 508 -21.99 -8.70 -20.02
C VAL A 508 -20.64 -9.20 -19.52
N CYS A 509 -19.83 -9.74 -20.42
CA CYS A 509 -18.53 -10.29 -20.05
C CYS A 509 -17.38 -9.86 -20.95
N GLY A 510 -17.64 -9.43 -22.18
CA GLY A 510 -16.60 -9.01 -23.09
C GLY A 510 -15.97 -7.67 -22.73
N PRO B 1 11.64 -56.45 13.83
CA PRO B 1 10.89 -55.21 14.07
C PRO B 1 10.46 -55.06 15.52
N THR B 2 11.42 -54.77 16.40
CA THR B 2 11.17 -54.61 17.82
C THR B 2 11.33 -53.16 18.29
N GLU B 3 12.47 -52.54 18.02
CA GLU B 3 12.71 -51.16 18.40
C GLU B 3 13.70 -50.55 17.42
N SER B 4 13.93 -49.24 17.57
CA SER B 4 14.86 -48.52 16.71
C SER B 4 16.30 -48.83 17.12
N ILE B 5 17.24 -48.29 16.34
CA ILE B 5 18.67 -48.51 16.57
C ILE B 5 19.37 -47.24 17.01
N VAL B 6 19.25 -46.17 16.23
CA VAL B 6 19.95 -44.92 16.49
C VAL B 6 18.92 -43.88 16.93
N ARG B 7 19.40 -42.84 17.60
CA ARG B 7 18.55 -41.73 17.99
C ARG B 7 18.61 -40.62 16.93
N PHE B 8 17.63 -39.73 17.00
CA PHE B 8 17.61 -38.55 16.17
C PHE B 8 18.69 -37.57 16.67
N PRO B 9 19.09 -36.60 15.83
CA PRO B 9 20.17 -35.68 16.24
C PRO B 9 19.84 -34.92 17.52
N ASN B 10 20.91 -34.61 18.26
CA ASN B 10 20.79 -34.14 19.63
C ASN B 10 20.01 -32.84 19.74
N ILE B 11 19.23 -32.73 20.80
CA ILE B 11 18.35 -31.57 21.00
C ILE B 11 19.09 -30.55 21.86
N THR B 12 18.70 -29.29 21.71
CA THR B 12 19.33 -28.17 22.42
C THR B 12 18.23 -27.31 23.01
N ASN B 13 18.59 -26.11 23.46
CA ASN B 13 17.63 -25.20 24.08
C ASN B 13 16.55 -24.78 23.08
N LEU B 14 15.33 -24.66 23.58
CA LEU B 14 14.17 -24.42 22.73
C LEU B 14 14.19 -23.00 22.16
N CYS B 15 13.88 -22.89 20.87
CA CYS B 15 13.98 -21.62 20.16
C CYS B 15 12.92 -20.63 20.65
N PRO B 16 13.21 -19.33 20.58
CA PRO B 16 12.18 -18.33 20.91
C PRO B 16 11.07 -18.27 19.87
N PHE B 17 10.26 -19.32 19.79
CA PHE B 17 9.15 -19.37 18.85
C PHE B 17 7.98 -18.50 19.27
N ASP B 18 7.99 -17.97 20.50
CA ASP B 18 6.98 -17.02 20.92
C ASP B 18 7.21 -15.62 20.34
N GLU B 19 8.37 -15.39 19.72
CA GLU B 19 8.62 -14.10 19.08
C GLU B 19 7.88 -13.98 17.75
N VAL B 20 7.90 -15.03 16.93
CA VAL B 20 7.27 -14.97 15.62
C VAL B 20 5.75 -14.95 15.76
N PHE B 21 5.21 -15.70 16.71
CA PHE B 21 3.78 -15.69 16.99
C PHE B 21 3.47 -14.62 18.04
N ASN B 22 2.18 -14.36 18.24
CA ASN B 22 1.68 -13.40 19.24
C ASN B 22 2.25 -12.00 19.01
N ALA B 23 2.53 -11.66 17.75
CA ALA B 23 3.21 -10.41 17.44
C ALA B 23 2.27 -9.22 17.57
N THR B 24 2.85 -8.06 17.86
CA THR B 24 2.09 -6.82 17.96
C THR B 24 2.26 -5.92 16.74
N ARG B 25 3.39 -6.03 16.03
CA ARG B 25 3.66 -5.24 14.83
C ARG B 25 3.98 -6.20 13.70
N PHE B 26 2.99 -6.48 12.86
CA PHE B 26 3.17 -7.40 11.74
C PHE B 26 3.71 -6.65 10.52
N ALA B 27 4.51 -7.36 9.73
CA ALA B 27 5.08 -6.78 8.53
C ALA B 27 4.03 -6.68 7.42
N SER B 28 4.37 -5.93 6.38
CA SER B 28 3.48 -5.75 5.25
C SER B 28 3.41 -7.02 4.41
N VAL B 29 2.39 -7.07 3.53
CA VAL B 29 2.21 -8.23 2.68
C VAL B 29 3.34 -8.34 1.65
N TYR B 30 3.84 -7.22 1.15
CA TYR B 30 4.93 -7.23 0.19
C TYR B 30 6.30 -7.14 0.86
N ALA B 31 6.40 -6.44 1.99
CA ALA B 31 7.65 -6.32 2.72
C ALA B 31 7.69 -7.31 3.89
N TRP B 32 7.67 -8.60 3.54
CA TRP B 32 7.72 -9.65 4.53
C TRP B 32 9.16 -10.02 4.86
N ASN B 33 9.36 -10.47 6.10
CA ASN B 33 10.69 -10.76 6.61
C ASN B 33 10.97 -12.26 6.59
N ARG B 34 12.26 -12.58 6.63
CA ARG B 34 12.73 -13.97 6.64
C ARG B 34 13.71 -14.17 7.78
N LYS B 35 13.63 -15.32 8.42
CA LYS B 35 14.52 -15.65 9.53
C LYS B 35 14.83 -17.13 9.50
N ARG B 36 15.93 -17.51 10.14
CA ARG B 36 16.39 -18.89 10.19
C ARG B 36 16.24 -19.44 11.60
N ILE B 37 15.55 -20.57 11.71
CA ILE B 37 15.32 -21.25 12.98
C ILE B 37 15.86 -22.67 12.84
N SER B 38 16.81 -23.04 13.71
CA SER B 38 17.46 -24.34 13.60
C SER B 38 18.03 -24.73 14.95
N ASN B 39 18.30 -26.04 15.08
CA ASN B 39 18.99 -26.62 16.24
C ASN B 39 18.24 -26.34 17.55
N CYS B 40 16.96 -26.72 17.59
CA CYS B 40 16.15 -26.51 18.77
C CYS B 40 14.93 -27.43 18.71
N VAL B 41 14.02 -27.23 19.66
CA VAL B 41 12.88 -28.12 19.84
C VAL B 41 11.78 -27.76 18.87
N ALA B 42 11.25 -28.76 18.17
CA ALA B 42 10.07 -28.59 17.34
C ALA B 42 8.84 -28.81 18.22
N ASP B 43 8.11 -27.74 18.49
CA ASP B 43 7.00 -27.75 19.45
C ASP B 43 5.74 -27.22 18.80
N TYR B 44 5.42 -27.75 17.62
CA TYR B 44 4.20 -27.34 16.91
C TYR B 44 2.94 -27.96 17.50
N SER B 45 3.06 -28.89 18.44
CA SER B 45 1.88 -29.54 19.01
C SER B 45 1.13 -28.62 19.97
N VAL B 46 1.81 -27.62 20.54
CA VAL B 46 1.15 -26.73 21.49
C VAL B 46 0.26 -25.73 20.76
N LEU B 47 0.44 -25.56 19.45
CA LEU B 47 -0.37 -24.63 18.68
C LEU B 47 -1.84 -25.02 18.66
N TYR B 48 -2.15 -26.30 18.84
CA TYR B 48 -3.55 -26.71 19.03
C TYR B 48 -4.10 -26.15 20.34
N ASN B 49 -3.29 -26.15 21.40
CA ASN B 49 -3.68 -25.51 22.65
C ASN B 49 -3.63 -23.99 22.57
N LEU B 50 -3.01 -23.43 21.54
CA LEU B 50 -3.01 -22.00 21.29
C LEU B 50 -4.34 -21.60 20.65
N ALA B 51 -4.39 -20.40 20.08
CA ALA B 51 -5.62 -19.89 19.49
C ALA B 51 -6.04 -20.77 18.31
N PRO B 52 -7.34 -20.96 18.10
CA PRO B 52 -7.79 -21.86 17.02
C PRO B 52 -7.43 -21.32 15.64
N PHE B 53 -7.16 -22.25 14.72
CA PHE B 53 -6.74 -21.88 13.37
C PHE B 53 -7.93 -21.56 12.48
N PHE B 54 -8.81 -22.55 12.27
CA PHE B 54 -9.95 -22.53 11.36
C PHE B 54 -9.55 -22.39 9.89
N THR B 55 -8.25 -22.35 9.60
CA THR B 55 -7.72 -22.31 8.24
C THR B 55 -6.54 -23.27 8.09
N PHE B 56 -6.60 -24.43 8.76
CA PHE B 56 -5.48 -25.34 8.85
C PHE B 56 -5.45 -26.39 7.74
N LYS B 57 -6.01 -26.08 6.57
CA LYS B 57 -5.93 -27.00 5.45
C LYS B 57 -4.50 -27.07 4.93
N CYS B 58 -4.05 -28.30 4.63
CA CYS B 58 -2.70 -28.52 4.14
C CYS B 58 -2.75 -29.54 3.02
N TYR B 59 -1.82 -29.40 2.07
CA TYR B 59 -1.73 -30.27 0.91
C TYR B 59 -0.42 -31.04 0.95
N GLY B 60 -0.51 -32.37 0.94
CA GLY B 60 0.64 -33.23 0.87
C GLY B 60 1.31 -33.55 2.20
N VAL B 61 0.87 -32.92 3.29
CA VAL B 61 1.43 -33.17 4.62
C VAL B 61 0.29 -33.41 5.60
N SER B 62 0.48 -34.38 6.50
CA SER B 62 -0.51 -34.63 7.53
C SER B 62 -0.38 -33.59 8.64
N PRO B 63 -1.50 -33.16 9.25
CA PRO B 63 -1.42 -32.14 10.30
C PRO B 63 -0.72 -32.62 11.57
N THR B 64 -0.77 -33.92 11.87
CA THR B 64 -0.23 -34.45 13.12
C THR B 64 1.03 -35.29 12.92
N LYS B 65 1.63 -35.25 11.72
CA LYS B 65 2.83 -36.01 11.43
C LYS B 65 4.09 -35.15 11.44
N LEU B 66 4.00 -33.90 11.90
CA LEU B 66 5.15 -33.01 11.89
C LEU B 66 6.20 -33.41 12.93
N ASN B 67 5.83 -34.23 13.92
CA ASN B 67 6.77 -34.60 14.96
C ASN B 67 7.80 -35.60 14.45
N ASP B 68 7.38 -36.54 13.60
CA ASP B 68 8.24 -37.63 13.17
C ASP B 68 8.94 -37.39 11.84
N LEU B 69 8.65 -36.28 11.16
CA LEU B 69 9.29 -36.03 9.87
C LEU B 69 10.57 -35.19 10.01
N CYS B 70 10.55 -34.18 10.88
CA CYS B 70 11.72 -33.37 11.25
C CYS B 70 12.37 -32.73 10.03
N PHE B 71 11.61 -31.82 9.41
CA PHE B 71 12.13 -31.05 8.29
C PHE B 71 13.29 -30.17 8.72
N THR B 72 14.29 -30.04 7.85
CA THR B 72 15.56 -29.42 8.22
C THR B 72 15.63 -27.94 7.89
N ASN B 73 14.79 -27.43 6.98
CA ASN B 73 14.84 -26.04 6.56
C ASN B 73 13.51 -25.36 6.87
N VAL B 74 13.57 -24.18 7.47
CA VAL B 74 12.38 -23.43 7.84
C VAL B 74 12.30 -22.18 6.98
N TYR B 75 11.07 -21.66 6.85
CA TYR B 75 10.83 -20.41 6.13
C TYR B 75 9.65 -19.72 6.82
N ALA B 76 9.95 -18.82 7.75
CA ALA B 76 8.94 -18.10 8.51
C ALA B 76 8.67 -16.77 7.85
N ASP B 77 7.40 -16.52 7.50
CA ASP B 77 7.00 -15.32 6.79
C ASP B 77 5.84 -14.66 7.51
N SER B 78 5.74 -13.34 7.37
CA SER B 78 4.68 -12.55 7.97
C SER B 78 3.85 -11.90 6.88
N PHE B 79 2.59 -12.31 6.76
CA PHE B 79 1.69 -11.80 5.75
C PHE B 79 0.48 -11.16 6.40
N VAL B 80 -0.06 -10.13 5.76
CA VAL B 80 -1.33 -9.51 6.14
C VAL B 80 -2.25 -9.51 4.93
N ILE B 81 -3.51 -9.89 5.16
CA ILE B 81 -4.49 -9.99 4.07
C ILE B 81 -5.87 -9.92 4.70
N ARG B 82 -6.87 -9.59 3.87
CA ARG B 82 -8.24 -9.51 4.34
C ARG B 82 -8.86 -10.90 4.44
N GLY B 83 -10.04 -10.96 5.07
CA GLY B 83 -10.72 -12.23 5.23
C GLY B 83 -11.31 -12.79 3.96
N ASP B 84 -11.55 -11.94 2.95
CA ASP B 84 -12.08 -12.42 1.67
C ASP B 84 -11.00 -13.10 0.84
N GLU B 85 -9.75 -12.70 0.99
CA GLU B 85 -8.65 -13.23 0.18
C GLU B 85 -7.87 -14.33 0.88
N VAL B 86 -8.37 -14.83 2.01
CA VAL B 86 -7.69 -15.91 2.71
C VAL B 86 -7.79 -17.22 1.92
N ARG B 87 -8.80 -17.35 1.07
CA ARG B 87 -8.94 -18.53 0.23
C ARG B 87 -8.13 -18.45 -1.06
N GLN B 88 -7.53 -17.30 -1.35
CA GLN B 88 -6.73 -17.11 -2.55
C GLN B 88 -5.28 -17.57 -2.38
N ILE B 89 -4.91 -18.02 -1.18
CA ILE B 89 -3.55 -18.49 -0.94
C ILE B 89 -3.26 -19.80 -1.64
N ALA B 90 -4.30 -20.56 -1.98
CA ALA B 90 -4.11 -21.87 -2.60
C ALA B 90 -3.47 -21.72 -3.97
N PRO B 91 -2.59 -22.63 -4.36
CA PRO B 91 -1.89 -22.50 -5.65
C PRO B 91 -2.82 -22.73 -6.83
N GLY B 92 -2.42 -22.18 -7.97
CA GLY B 92 -3.23 -22.28 -9.17
C GLY B 92 -4.44 -21.37 -9.20
N GLN B 93 -4.44 -20.32 -8.40
CA GLN B 93 -5.56 -19.38 -8.32
C GLN B 93 -5.11 -18.02 -8.86
N THR B 94 -5.92 -17.46 -9.76
CA THR B 94 -5.63 -16.18 -10.36
C THR B 94 -6.24 -15.03 -9.54
N GLY B 95 -5.91 -13.81 -9.93
CA GLY B 95 -6.39 -12.63 -9.24
C GLY B 95 -5.33 -11.57 -9.08
N ASN B 96 -5.73 -10.36 -8.70
CA ASN B 96 -4.76 -9.27 -8.53
C ASN B 96 -3.84 -9.52 -7.35
N ILE B 97 -4.37 -10.10 -6.26
CA ILE B 97 -3.55 -10.38 -5.09
C ILE B 97 -2.57 -11.51 -5.39
N ALA B 98 -3.03 -12.55 -6.10
CA ALA B 98 -2.23 -13.74 -6.37
C ALA B 98 -1.36 -13.61 -7.61
N ASP B 99 -1.29 -12.42 -8.22
CA ASP B 99 -0.42 -12.21 -9.37
C ASP B 99 0.40 -10.93 -9.31
N TYR B 100 0.18 -10.07 -8.31
CA TYR B 100 0.95 -8.84 -8.19
C TYR B 100 1.74 -8.73 -6.89
N ASN B 101 1.41 -9.53 -5.88
CA ASN B 101 2.13 -9.50 -4.61
C ASN B 101 2.85 -10.82 -4.33
N TYR B 102 2.14 -11.93 -4.31
CA TYR B 102 2.73 -13.22 -3.94
C TYR B 102 1.83 -14.34 -4.44
N LYS B 103 2.44 -15.45 -4.87
CA LYS B 103 1.69 -16.60 -5.33
C LYS B 103 2.39 -17.88 -4.87
N LEU B 104 1.62 -18.98 -4.85
CA LEU B 104 2.09 -20.28 -4.39
C LEU B 104 2.41 -21.16 -5.58
N PRO B 105 3.61 -21.75 -5.65
CA PRO B 105 3.95 -22.63 -6.76
C PRO B 105 3.19 -23.95 -6.67
N ASP B 106 3.16 -24.66 -7.81
CA ASP B 106 2.45 -25.93 -7.88
C ASP B 106 3.14 -27.01 -7.05
N ASP B 107 4.46 -27.01 -7.02
CA ASP B 107 5.22 -27.99 -6.27
C ASP B 107 5.49 -27.56 -4.83
N PHE B 108 4.67 -26.67 -4.28
CA PHE B 108 4.87 -26.21 -2.92
C PHE B 108 4.46 -27.31 -1.92
N THR B 109 5.25 -27.43 -0.86
CA THR B 109 4.99 -28.39 0.20
C THR B 109 4.79 -27.64 1.52
N GLY B 110 3.69 -27.94 2.21
CA GLY B 110 3.39 -27.29 3.46
C GLY B 110 2.05 -26.58 3.46
N CYS B 111 1.84 -25.69 4.42
CA CYS B 111 0.62 -24.91 4.51
C CYS B 111 0.87 -23.69 5.38
N VAL B 112 -0.08 -22.74 5.33
CA VAL B 112 0.01 -21.51 6.08
C VAL B 112 -1.01 -21.54 7.23
N ILE B 113 -0.83 -20.62 8.17
CA ILE B 113 -1.67 -20.52 9.35
C ILE B 113 -2.23 -19.11 9.43
N ALA B 114 -3.55 -19.01 9.55
CA ALA B 114 -4.24 -17.73 9.68
C ALA B 114 -5.26 -17.81 10.81
N TRP B 115 -5.53 -16.66 11.42
CA TRP B 115 -6.49 -16.59 12.52
C TRP B 115 -7.07 -15.18 12.59
N ASN B 116 -8.19 -15.05 13.29
CA ASN B 116 -8.92 -13.80 13.35
C ASN B 116 -8.18 -12.77 14.18
N SER B 117 -8.45 -11.49 13.90
CA SER B 117 -7.82 -10.35 14.56
C SER B 117 -8.87 -9.32 14.95
N ASN B 118 -9.95 -9.79 15.58
CA ASN B 118 -11.01 -8.88 16.00
C ASN B 118 -10.64 -8.07 17.22
N LYS B 119 -9.81 -8.62 18.11
CA LYS B 119 -9.49 -7.93 19.35
C LYS B 119 -8.53 -6.77 19.13
N LEU B 120 -7.51 -6.96 18.30
CA LEU B 120 -6.46 -5.96 18.10
C LEU B 120 -6.43 -5.53 16.63
N ASP B 121 -5.42 -4.72 16.29
CA ASP B 121 -5.22 -4.17 14.95
C ASP B 121 -6.44 -3.38 14.48
N SER B 122 -7.05 -2.64 15.40
CA SER B 122 -8.21 -1.81 15.08
C SER B 122 -8.31 -0.69 16.10
N LYS B 123 -8.72 0.48 15.64
CA LYS B 123 -8.87 1.65 16.50
C LYS B 123 -9.99 2.52 15.94
N VAL B 124 -10.15 3.71 16.54
CA VAL B 124 -11.19 4.63 16.07
C VAL B 124 -10.83 5.21 14.70
N SER B 125 -9.54 5.37 14.42
CA SER B 125 -9.08 5.88 13.14
C SER B 125 -8.66 4.73 12.22
N GLY B 126 -8.44 5.07 10.96
CA GLY B 126 -8.04 4.06 9.99
C GLY B 126 -6.61 3.61 10.21
N ASN B 127 -6.36 2.33 9.99
CA ASN B 127 -5.04 1.73 10.13
C ASN B 127 -4.31 1.84 8.81
N TYR B 128 -3.35 2.76 8.74
CA TYR B 128 -2.60 3.02 7.51
C TYR B 128 -1.16 2.49 7.60
N ASN B 129 -0.94 1.44 8.39
CA ASN B 129 0.40 0.91 8.63
C ASN B 129 0.82 -0.15 7.62
N TYR B 130 -0.06 -0.57 6.73
CA TYR B 130 0.25 -1.62 5.76
C TYR B 130 -0.11 -1.15 4.36
N LEU B 131 0.73 -1.48 3.38
CA LEU B 131 0.53 -1.10 2.00
C LEU B 131 0.76 -2.31 1.11
N TYR B 132 0.19 -2.26 -0.11
CA TYR B 132 0.36 -3.34 -1.08
C TYR B 132 0.71 -2.80 -2.47
N ARG B 133 0.87 -3.69 -3.44
CA ARG B 133 1.15 -3.33 -4.81
C ARG B 133 -0.01 -3.77 -5.71
N LEU B 134 -0.36 -2.92 -6.67
CA LEU B 134 -1.54 -3.17 -7.49
C LEU B 134 -1.21 -3.20 -8.98
N PHE B 135 -0.12 -2.54 -9.39
CA PHE B 135 0.21 -2.40 -10.80
C PHE B 135 1.63 -2.89 -11.06
N ARG B 136 1.78 -3.73 -12.09
CA ARG B 136 3.09 -4.12 -12.59
C ARG B 136 2.95 -4.57 -14.04
N LYS B 137 4.06 -4.53 -14.78
CA LYS B 137 4.10 -4.94 -16.16
C LYS B 137 4.41 -6.43 -16.32
N SER B 138 4.59 -7.16 -15.23
CA SER B 138 4.97 -8.58 -15.30
C SER B 138 4.45 -9.29 -14.07
N ASN B 139 4.50 -10.62 -14.12
CA ASN B 139 4.02 -11.46 -13.03
C ASN B 139 5.11 -11.66 -11.98
N LEU B 140 4.87 -12.61 -11.08
CA LEU B 140 5.75 -12.88 -9.94
C LEU B 140 6.36 -14.27 -10.04
N LYS B 141 7.65 -14.35 -9.73
CA LYS B 141 8.27 -15.63 -9.44
C LYS B 141 7.92 -16.06 -8.02
N PRO B 142 7.84 -17.37 -7.77
CA PRO B 142 7.51 -17.83 -6.42
C PRO B 142 8.62 -17.53 -5.43
N PHE B 143 8.22 -17.12 -4.22
CA PHE B 143 9.14 -16.78 -3.12
C PHE B 143 10.14 -15.71 -3.54
N GLU B 144 9.65 -14.63 -4.13
CA GLU B 144 10.49 -13.58 -4.68
C GLU B 144 10.09 -12.23 -4.07
N ARG B 145 11.08 -11.50 -3.55
CA ARG B 145 10.83 -10.20 -2.95
C ARG B 145 10.44 -9.17 -4.00
N ASP B 146 9.58 -8.23 -3.61
CA ASP B 146 9.13 -7.17 -4.51
C ASP B 146 8.95 -5.89 -3.70
N ILE B 147 9.98 -5.04 -3.72
CA ILE B 147 9.93 -3.73 -3.07
C ILE B 147 9.95 -2.69 -4.18
N SER B 148 8.83 -2.00 -4.37
CA SER B 148 8.67 -1.03 -5.45
C SER B 148 8.26 0.33 -4.90
N THR B 149 8.95 1.37 -5.33
CA THR B 149 8.63 2.76 -5.01
C THR B 149 8.48 3.61 -6.25
N GLU B 150 8.95 3.14 -7.41
CA GLU B 150 8.85 3.90 -8.65
C GLU B 150 7.40 4.00 -9.11
N ILE B 151 7.09 5.08 -9.82
CA ILE B 151 5.73 5.30 -10.30
C ILE B 151 5.42 4.35 -11.46
N TYR B 152 4.15 4.01 -11.60
CA TYR B 152 3.71 3.15 -12.68
C TYR B 152 3.47 3.95 -13.95
N GLN B 153 3.71 3.31 -15.10
CA GLN B 153 3.53 3.92 -16.41
C GLN B 153 2.24 3.41 -17.03
N ALA B 154 1.36 4.33 -17.42
CA ALA B 154 0.08 4.00 -18.06
C ALA B 154 -0.01 4.82 -19.34
N GLY B 155 0.52 4.26 -20.43
CA GLY B 155 0.52 4.91 -21.72
C GLY B 155 1.93 5.27 -22.16
N ASN B 156 2.01 5.82 -23.37
CA ASN B 156 3.30 6.20 -23.94
C ASN B 156 3.84 7.49 -23.33
N LYS B 157 3.00 8.27 -22.67
CA LYS B 157 3.45 9.53 -22.06
C LYS B 157 4.25 9.24 -20.80
N PRO B 158 5.50 9.70 -20.70
CA PRO B 158 6.27 9.47 -19.47
C PRO B 158 5.74 10.31 -18.31
N CYS B 159 5.98 9.80 -17.10
CA CYS B 159 5.56 10.47 -15.87
C CYS B 159 6.77 10.67 -14.97
N ASN B 160 7.02 11.92 -14.56
CA ASN B 160 8.08 12.17 -13.60
C ASN B 160 7.65 11.78 -12.18
N GLY B 161 6.39 11.99 -11.84
CA GLY B 161 5.87 11.62 -10.53
C GLY B 161 4.42 11.18 -10.59
N VAL B 162 3.61 11.68 -9.67
CA VAL B 162 2.19 11.36 -9.64
C VAL B 162 1.45 12.22 -10.66
N ALA B 163 0.39 11.67 -11.25
CA ALA B 163 -0.41 12.36 -12.23
C ALA B 163 -1.89 12.15 -11.94
N GLY B 164 -2.71 13.10 -12.40
CA GLY B 164 -4.14 12.97 -12.18
C GLY B 164 -4.77 11.82 -12.97
N PHE B 165 -4.40 11.67 -14.24
CA PHE B 165 -4.98 10.64 -15.08
C PHE B 165 -3.90 9.85 -15.81
N ASN B 166 -2.78 10.51 -16.11
CA ASN B 166 -1.73 9.87 -16.92
C ASN B 166 -1.12 8.67 -16.22
N CYS B 167 -0.85 8.79 -14.92
CA CYS B 167 -0.24 7.72 -14.15
C CYS B 167 -0.88 7.65 -12.78
N TYR B 168 -0.75 6.49 -12.14
CA TYR B 168 -1.33 6.24 -10.84
C TYR B 168 -0.28 5.69 -9.88
N PHE B 169 -0.48 5.94 -8.60
CA PHE B 169 0.46 5.45 -7.59
C PHE B 169 0.33 3.94 -7.46
N PRO B 170 1.43 3.19 -7.54
CA PRO B 170 1.34 1.72 -7.44
C PRO B 170 1.04 1.21 -6.05
N LEU B 171 1.12 2.05 -5.02
CA LEU B 171 0.91 1.65 -3.64
C LEU B 171 -0.38 2.27 -3.12
N ARG B 172 -1.20 1.47 -2.45
CA ARG B 172 -2.44 1.93 -1.85
C ARG B 172 -2.51 1.42 -0.42
N SER B 173 -3.18 2.20 0.44
CA SER B 173 -3.25 1.89 1.85
C SER B 173 -4.44 0.96 2.14
N TYR B 174 -4.63 0.64 3.42
CA TYR B 174 -5.72 -0.21 3.88
C TYR B 174 -6.71 0.59 4.71
N SER B 175 -7.98 0.25 4.59
CA SER B 175 -9.06 0.82 5.40
C SER B 175 -9.64 -0.32 6.24
N PHE B 176 -9.25 -0.39 7.51
CA PHE B 176 -9.69 -1.45 8.42
C PHE B 176 -10.50 -0.81 9.55
N ARG B 177 -11.80 -0.67 9.32
CA ARG B 177 -12.71 -0.16 10.33
C ARG B 177 -13.21 -1.29 11.22
N PRO B 178 -13.55 -0.99 12.48
CA PRO B 178 -14.14 -2.03 13.34
C PRO B 178 -15.45 -2.59 12.81
N THR B 179 -16.25 -1.77 12.12
CA THR B 179 -17.52 -2.21 11.56
C THR B 179 -17.47 -2.35 10.04
N TYR B 180 -16.26 -2.54 9.48
CA TYR B 180 -16.12 -2.68 8.04
C TYR B 180 -16.81 -3.93 7.53
N GLY B 181 -16.69 -5.03 8.24
CA GLY B 181 -17.33 -6.28 7.86
C GLY B 181 -16.44 -7.47 8.22
N VAL B 182 -17.09 -8.60 8.48
CA VAL B 182 -16.37 -9.82 8.81
C VAL B 182 -15.64 -10.37 7.58
N GLY B 183 -16.21 -10.19 6.39
CA GLY B 183 -15.56 -10.70 5.19
C GLY B 183 -14.34 -9.90 4.79
N HIS B 184 -14.27 -8.63 5.19
CA HIS B 184 -13.12 -7.77 4.91
C HIS B 184 -12.22 -7.58 6.12
N GLN B 185 -12.43 -8.36 7.18
CA GLN B 185 -11.59 -8.24 8.37
C GLN B 185 -10.18 -8.73 8.06
N PRO B 186 -9.14 -7.97 8.42
CA PRO B 186 -7.77 -8.41 8.13
C PRO B 186 -7.40 -9.66 8.90
N TYR B 187 -6.62 -10.52 8.26
CA TYR B 187 -6.15 -11.77 8.84
C TYR B 187 -4.63 -11.81 8.80
N ARG B 188 -4.02 -12.25 9.89
CA ARG B 188 -2.58 -12.41 9.97
C ARG B 188 -2.21 -13.81 9.51
N VAL B 189 -1.36 -13.90 8.48
CA VAL B 189 -1.00 -15.17 7.87
C VAL B 189 0.49 -15.40 8.07
N VAL B 190 0.85 -16.55 8.64
CA VAL B 190 2.23 -16.97 8.79
C VAL B 190 2.44 -18.22 7.94
N VAL B 191 3.57 -18.28 7.24
CA VAL B 191 3.85 -19.33 6.29
C VAL B 191 4.85 -20.30 6.91
N LEU B 192 4.57 -21.61 6.78
CA LEU B 192 5.45 -22.68 7.23
C LEU B 192 5.63 -23.63 6.05
N SER B 193 6.68 -23.40 5.26
CA SER B 193 6.94 -24.18 4.06
C SER B 193 7.96 -25.27 4.37
N PHE B 194 7.75 -26.43 3.76
CA PHE B 194 8.62 -27.59 3.94
C PHE B 194 9.43 -27.82 2.67
N GLU B 195 10.20 -28.89 2.68
CA GLU B 195 11.02 -29.27 1.52
C GLU B 195 10.73 -30.67 1.03
N LEU B 196 10.42 -31.60 1.93
CA LEU B 196 10.16 -33.01 1.61
C LEU B 196 11.31 -33.63 0.83
N LEU B 197 12.53 -33.32 1.24
CA LEU B 197 13.73 -33.83 0.59
C LEU B 197 14.64 -34.44 1.64
N HIS B 198 15.27 -35.56 1.28
CA HIS B 198 16.16 -36.25 2.20
C HIS B 198 17.44 -35.44 2.32
N ALA B 199 17.56 -34.70 3.42
CA ALA B 199 18.67 -33.79 3.65
C ALA B 199 19.22 -34.03 5.04
N PRO B 200 20.49 -33.65 5.30
CA PRO B 200 21.02 -33.75 6.67
C PRO B 200 20.25 -32.88 7.64
N ALA B 201 19.54 -33.52 8.57
CA ALA B 201 18.66 -32.81 9.48
C ALA B 201 19.45 -32.07 10.54
N THR B 202 19.13 -30.79 10.74
CA THR B 202 19.73 -29.98 11.78
C THR B 202 18.77 -29.58 12.89
N VAL B 203 17.46 -29.72 12.66
CA VAL B 203 16.45 -29.45 13.67
C VAL B 203 15.45 -30.61 13.66
N CYS B 204 15.06 -31.06 14.85
CA CYS B 204 14.19 -32.22 14.99
C CYS B 204 13.39 -32.10 16.27
N GLY B 205 12.52 -33.07 16.51
CA GLY B 205 11.68 -33.08 17.69
C GLY B 205 12.35 -33.77 18.86
N PRO B 206 11.83 -33.55 20.07
CA PRO B 206 12.41 -34.16 21.27
C PRO B 206 12.02 -35.64 21.38
N LYS B 207 12.98 -36.52 21.12
CA LYS B 207 12.78 -37.95 21.12
C LYS B 207 13.62 -38.59 22.23
N LYS B 208 13.64 -39.92 22.24
CA LYS B 208 14.34 -40.71 23.26
C LYS B 208 15.54 -41.38 22.61
N SER B 209 16.70 -41.27 23.26
CA SER B 209 17.91 -41.90 22.75
C SER B 209 17.82 -43.42 22.84
N THR B 210 18.43 -44.09 21.87
CA THR B 210 18.43 -45.53 21.78
C THR B 210 19.86 -46.04 21.59
N ASN B 211 20.21 -47.10 22.30
CA ASN B 211 21.54 -47.69 22.19
C ASN B 211 21.70 -48.38 20.84
N LEU B 212 22.93 -48.34 20.32
CA LEU B 212 23.22 -48.91 19.01
C LEU B 212 23.23 -50.43 19.09
N VAL B 213 22.52 -51.07 18.16
CA VAL B 213 22.50 -52.52 18.03
C VAL B 213 22.77 -52.87 16.58
N LYS B 214 23.61 -53.88 16.35
CA LYS B 214 24.04 -54.27 15.02
C LYS B 214 23.72 -55.73 14.75
N ASN B 215 23.67 -56.07 13.47
CA ASN B 215 23.42 -57.44 12.99
C ASN B 215 22.11 -58.00 13.53
N LYS B 216 21.07 -57.17 13.55
CA LYS B 216 19.74 -57.58 14.00
C LYS B 216 18.71 -57.11 13.00
N CYS B 217 17.75 -57.99 12.69
CA CYS B 217 16.70 -57.68 11.73
C CYS B 217 15.54 -57.01 12.47
N VAL B 218 15.69 -55.69 12.66
CA VAL B 218 14.69 -54.88 13.35
C VAL B 218 14.41 -53.65 12.51
N ASN B 219 13.26 -53.02 12.78
CA ASN B 219 12.85 -51.84 12.05
C ASN B 219 13.69 -50.63 12.47
N PHE B 220 13.63 -49.59 11.65
CA PHE B 220 14.40 -48.38 11.88
C PHE B 220 13.65 -47.18 11.29
N ASN B 221 14.03 -45.99 11.75
CA ASN B 221 13.45 -44.74 11.26
C ASN B 221 14.59 -43.74 11.11
N PHE B 222 15.03 -43.52 9.88
CA PHE B 222 16.14 -42.62 9.58
C PHE B 222 15.59 -41.32 9.00
N ASN B 223 15.47 -40.31 9.86
CA ASN B 223 14.99 -38.97 9.48
C ASN B 223 13.61 -39.04 8.83
N GLY B 224 12.71 -39.81 9.43
CA GLY B 224 11.36 -39.95 8.92
C GLY B 224 11.18 -40.99 7.83
N LEU B 225 12.21 -41.78 7.53
CA LEU B 225 12.14 -42.83 6.52
C LEU B 225 12.13 -44.17 7.22
N LYS B 226 11.09 -44.96 7.00
CA LYS B 226 10.93 -46.26 7.65
C LYS B 226 11.49 -47.37 6.77
N GLY B 227 11.70 -48.52 7.39
CA GLY B 227 12.20 -49.69 6.68
C GLY B 227 12.61 -50.77 7.65
N THR B 228 12.88 -51.95 7.08
CA THR B 228 13.32 -53.11 7.83
C THR B 228 14.54 -53.71 7.18
N GLY B 229 15.49 -54.16 8.00
CA GLY B 229 16.70 -54.76 7.48
C GLY B 229 17.73 -54.93 8.58
N VAL B 230 18.91 -55.39 8.15
CA VAL B 230 20.03 -55.62 9.06
C VAL B 230 21.08 -54.54 8.80
N LEU B 231 21.85 -54.25 9.85
CA LEU B 231 22.86 -53.18 9.81
C LEU B 231 24.25 -53.81 9.88
N THR B 232 25.08 -53.47 8.90
CA THR B 232 26.42 -54.03 8.81
C THR B 232 27.34 -53.01 8.14
N GLU B 233 28.52 -52.79 8.74
CA GLU B 233 29.49 -51.88 8.17
C GLU B 233 30.09 -52.46 6.89
N SER B 234 30.65 -51.57 6.07
CA SER B 234 31.22 -51.95 4.79
C SER B 234 32.52 -51.18 4.58
N ASN B 235 33.03 -51.20 3.36
CA ASN B 235 34.28 -50.53 3.01
C ASN B 235 34.07 -49.25 2.21
N LYS B 236 32.84 -48.90 1.87
CA LYS B 236 32.58 -47.73 1.06
C LYS B 236 32.82 -46.46 1.87
N LYS B 237 33.39 -45.45 1.21
CA LYS B 237 33.70 -44.17 1.83
C LYS B 237 32.78 -43.11 1.22
N PHE B 238 32.17 -42.30 2.08
CA PHE B 238 31.27 -41.24 1.65
C PHE B 238 31.90 -39.87 1.86
N LEU B 239 31.52 -38.93 1.00
CA LEU B 239 31.98 -37.56 1.13
C LEU B 239 31.36 -36.92 2.36
N PRO B 240 32.05 -35.94 2.98
CA PRO B 240 31.47 -35.27 4.15
C PRO B 240 30.16 -34.55 3.85
N PHE B 241 29.99 -34.01 2.64
CA PHE B 241 28.71 -33.39 2.29
C PHE B 241 27.63 -34.44 2.05
N GLN B 242 27.99 -35.54 1.39
CA GLN B 242 27.02 -36.59 1.11
C GLN B 242 26.63 -37.33 2.39
N GLN B 243 25.36 -37.74 2.46
CA GLN B 243 24.82 -38.41 3.62
C GLN B 243 24.39 -39.84 3.33
N PHE B 244 23.61 -40.05 2.27
CA PHE B 244 23.00 -41.33 1.95
C PHE B 244 23.30 -41.70 0.51
N GLY B 245 22.95 -42.94 0.15
CA GLY B 245 23.09 -43.40 -1.22
C GLY B 245 21.82 -44.08 -1.70
N ARG B 246 21.72 -44.23 -3.02
CA ARG B 246 20.62 -44.93 -3.65
C ARG B 246 21.17 -45.89 -4.69
N ASP B 247 20.46 -46.99 -4.89
CA ASP B 247 20.85 -48.01 -5.86
C ASP B 247 20.17 -47.73 -7.21
N ILE B 248 20.23 -48.72 -8.10
CA ILE B 248 19.57 -48.58 -9.40
C ILE B 248 18.05 -48.54 -9.24
N ALA B 249 17.52 -49.27 -8.28
CA ALA B 249 16.08 -49.37 -8.06
C ALA B 249 15.53 -48.26 -7.16
N ASP B 250 16.33 -47.22 -6.92
CA ASP B 250 15.91 -46.07 -6.09
C ASP B 250 15.50 -46.48 -4.68
N THR B 251 16.22 -47.44 -4.12
CA THR B 251 15.98 -47.93 -2.77
C THR B 251 17.15 -47.51 -1.89
N THR B 252 16.84 -46.94 -0.72
CA THR B 252 17.88 -46.45 0.18
C THR B 252 18.68 -47.62 0.76
N ASP B 253 20.00 -47.54 0.64
CA ASP B 253 20.89 -48.57 1.16
C ASP B 253 21.94 -48.02 2.11
N ALA B 254 21.94 -46.72 2.40
CA ALA B 254 22.92 -46.13 3.29
C ALA B 254 22.33 -44.88 3.94
N VAL B 255 22.95 -44.47 5.05
CA VAL B 255 22.51 -43.29 5.79
C VAL B 255 23.69 -42.81 6.63
N ARG B 256 23.72 -41.51 6.90
CA ARG B 256 24.74 -40.91 7.76
C ARG B 256 24.08 -40.49 9.06
N ASP B 257 24.32 -41.28 10.12
CA ASP B 257 23.72 -40.99 11.41
C ASP B 257 24.51 -39.90 12.12
N PRO B 258 23.83 -39.11 12.97
CA PRO B 258 24.54 -38.06 13.71
C PRO B 258 25.45 -38.65 14.78
N GLN B 259 26.41 -37.81 15.21
CA GLN B 259 27.35 -38.11 16.29
C GLN B 259 28.23 -39.31 16.00
N THR B 260 27.63 -40.51 15.93
CA THR B 260 28.41 -41.72 15.74
C THR B 260 29.07 -41.76 14.36
N LEU B 261 28.31 -41.44 13.31
CA LEU B 261 28.81 -41.25 11.94
C LEU B 261 29.51 -42.51 11.41
N GLU B 262 28.72 -43.56 11.25
CA GLU B 262 29.17 -44.79 10.60
C GLU B 262 28.34 -45.03 9.33
N ILE B 263 28.56 -46.20 8.71
CA ILE B 263 27.91 -46.49 7.44
C ILE B 263 26.47 -46.94 7.65
N LEU B 264 26.28 -48.06 8.35
CA LEU B 264 24.95 -48.62 8.66
C LEU B 264 24.14 -48.89 7.39
N ASP B 265 24.63 -49.87 6.63
CA ASP B 265 23.94 -50.31 5.42
C ASP B 265 22.53 -50.77 5.78
N ILE B 266 21.57 -50.38 4.93
CA ILE B 266 20.18 -50.71 5.17
C ILE B 266 19.93 -52.21 5.04
N THR B 267 20.46 -52.82 3.98
CA THR B 267 20.27 -54.25 3.75
C THR B 267 21.46 -54.83 2.99
N GLU C 1 -38.89 35.50 17.66
CA GLU C 1 -39.50 34.58 18.62
C GLU C 1 -38.55 33.42 18.93
N VAL C 2 -37.27 33.62 18.65
CA VAL C 2 -36.24 32.61 18.88
C VAL C 2 -35.15 33.22 19.74
N GLN C 3 -34.67 32.47 20.73
CA GLN C 3 -33.62 32.94 21.62
C GLN C 3 -32.73 31.76 21.99
N LEU C 4 -31.49 32.08 22.38
CA LEU C 4 -30.51 31.09 22.77
C LEU C 4 -29.86 31.49 24.09
N VAL C 5 -29.50 30.48 24.88
CA VAL C 5 -28.82 30.69 26.15
C VAL C 5 -27.55 29.85 26.17
N GLU C 6 -26.52 30.38 26.85
CA GLU C 6 -25.23 29.72 26.94
C GLU C 6 -24.74 29.73 28.37
N SER C 7 -23.98 28.70 28.73
CA SER C 7 -23.41 28.59 30.07
C SER C 7 -22.10 27.83 29.99
N GLY C 8 -21.26 28.03 30.99
CA GLY C 8 -19.96 27.36 31.06
C GLY C 8 -18.76 28.29 31.15
N GLY C 9 -18.95 29.61 31.19
CA GLY C 9 -17.82 30.50 31.29
C GLY C 9 -17.20 30.50 32.68
N GLY C 10 -15.94 30.94 32.73
CA GLY C 10 -15.23 31.00 33.99
C GLY C 10 -13.73 31.07 33.73
N LEU C 11 -12.97 30.64 34.74
CA LEU C 11 -11.51 30.64 34.68
C LEU C 11 -11.03 29.23 34.34
N ILE C 12 -10.32 29.12 33.22
CA ILE C 12 -9.81 27.83 32.73
C ILE C 12 -8.33 28.00 32.44
N GLN C 13 -7.51 27.10 32.97
CA GLN C 13 -6.09 27.11 32.70
C GLN C 13 -5.80 26.66 31.27
N PRO C 14 -4.68 27.11 30.68
CA PRO C 14 -4.32 26.63 29.35
C PRO C 14 -4.07 25.13 29.34
N GLY C 15 -4.47 24.49 28.24
CA GLY C 15 -4.35 23.05 28.12
C GLY C 15 -5.24 22.28 29.08
N GLY C 16 -6.44 22.77 29.34
CA GLY C 16 -7.38 22.13 30.23
C GLY C 16 -8.65 21.72 29.52
N SER C 17 -9.55 21.11 30.30
CA SER C 17 -10.82 20.61 29.80
C SER C 17 -11.95 21.54 30.22
N LEU C 18 -12.75 21.97 29.24
CA LEU C 18 -13.87 22.86 29.49
C LEU C 18 -15.07 22.37 28.70
N ARG C 19 -16.25 22.41 29.33
CA ARG C 19 -17.49 21.99 28.70
C ARG C 19 -18.42 23.19 28.57
N LEU C 20 -19.03 23.33 27.39
CA LEU C 20 -19.93 24.44 27.09
C LEU C 20 -21.34 23.90 26.84
N SER C 21 -22.33 24.70 27.19
CA SER C 21 -23.73 24.34 27.04
C SER C 21 -24.45 25.39 26.22
N CYS C 22 -25.33 24.93 25.32
CA CYS C 22 -26.14 25.81 24.48
C CYS C 22 -27.52 25.16 24.35
N ALA C 23 -28.49 25.67 25.10
CA ALA C 23 -29.85 25.13 25.12
C ALA C 23 -30.70 25.93 24.14
N ALA C 24 -31.18 25.27 23.09
CA ALA C 24 -32.05 25.92 22.13
C ALA C 24 -33.46 26.09 22.70
N SER C 25 -34.07 27.23 22.40
CA SER C 25 -35.42 27.56 22.87
C SER C 25 -36.35 27.62 21.67
N GLY C 26 -37.30 26.70 21.61
CA GLY C 26 -38.26 26.64 20.54
C GLY C 26 -37.82 25.85 19.31
N LEU C 27 -36.56 25.41 19.26
CA LEU C 27 -36.05 24.65 18.14
C LEU C 27 -35.41 23.36 18.66
N THR C 28 -35.49 22.31 17.85
CA THR C 28 -34.89 21.02 18.17
C THR C 28 -33.56 20.90 17.44
N VAL C 29 -32.49 20.64 18.20
CA VAL C 29 -31.15 20.61 17.64
C VAL C 29 -30.88 19.38 16.79
N SER C 30 -31.74 18.37 16.86
CA SER C 30 -31.56 17.15 16.08
C SER C 30 -32.11 17.26 14.66
N SER C 31 -32.75 18.37 14.32
CA SER C 31 -33.33 18.57 12.99
C SER C 31 -32.72 19.73 12.24
N ASN C 32 -31.69 20.39 12.79
CA ASN C 32 -31.10 21.56 12.16
C ASN C 32 -29.63 21.68 12.57
N TYR C 33 -28.89 22.45 11.80
CA TYR C 33 -27.45 22.56 12.00
C TYR C 33 -27.12 23.51 13.14
N MET C 34 -26.11 23.15 13.93
CA MET C 34 -25.57 23.99 14.98
C MET C 34 -24.33 24.71 14.47
N HIS C 35 -24.15 25.95 14.92
CA HIS C 35 -23.07 26.80 14.46
C HIS C 35 -22.35 27.43 15.66
N TRP C 36 -21.03 27.55 15.54
CA TRP C 36 -20.20 28.20 16.54
C TRP C 36 -19.38 29.30 15.87
N VAL C 37 -19.27 30.44 16.55
CA VAL C 37 -18.58 31.60 15.99
C VAL C 37 -17.90 32.34 17.13
N ARG C 38 -16.77 32.97 16.83
CA ARG C 38 -16.01 33.73 17.81
C ARG C 38 -15.89 35.17 17.37
N GLN C 39 -15.84 36.07 18.36
CA GLN C 39 -15.68 37.52 18.14
C GLN C 39 -14.55 37.99 19.06
N ALA C 40 -13.34 38.01 18.52
CA ALA C 40 -12.20 38.46 19.29
C ALA C 40 -12.21 39.99 19.40
N PRO C 41 -11.69 40.54 20.50
CA PRO C 41 -11.60 42.00 20.62
C PRO C 41 -10.63 42.57 19.60
N GLY C 42 -11.15 43.42 18.71
CA GLY C 42 -10.37 43.97 17.63
C GLY C 42 -10.27 43.10 16.39
N LYS C 43 -10.97 41.98 16.36
CA LYS C 43 -10.95 41.09 15.20
C LYS C 43 -12.36 40.77 14.72
N GLY C 44 -12.49 39.84 13.78
CA GLY C 44 -13.77 39.50 13.20
C GLY C 44 -14.12 38.04 13.40
N LEU C 45 -15.26 37.67 12.83
CA LEU C 45 -15.75 36.29 12.91
C LEU C 45 -14.96 35.38 11.97
N GLU C 46 -14.94 34.09 12.30
CA GLU C 46 -14.35 33.07 11.43
C GLU C 46 -14.87 31.73 11.94
N TRP C 47 -14.57 30.66 11.19
CA TRP C 47 -15.04 29.32 11.49
C TRP C 47 -14.61 28.86 12.88
N VAL C 48 -15.53 28.22 13.59
CA VAL C 48 -15.16 27.60 14.87
C VAL C 48 -15.51 26.12 14.81
N SER C 49 -16.81 25.80 14.72
CA SER C 49 -17.28 24.42 14.63
C SER C 49 -18.74 24.43 14.21
N VAL C 50 -19.11 23.47 13.37
CA VAL C 50 -20.49 23.28 12.94
C VAL C 50 -20.85 21.80 13.07
N LEU C 51 -21.92 21.53 13.79
CA LEU C 51 -22.44 20.17 13.98
C LEU C 51 -23.57 19.92 13.01
N TYR C 52 -23.53 18.78 12.33
CA TYR C 52 -24.58 18.41 11.40
C TYR C 52 -25.84 18.00 12.15
N ALA C 53 -26.95 17.90 11.42
CA ALA C 53 -28.20 17.45 12.02
C ALA C 53 -28.16 15.96 12.37
N GLY C 54 -27.24 15.21 11.77
CA GLY C 54 -27.04 13.82 12.09
C GLY C 54 -25.89 13.61 13.07
N GLY C 55 -25.33 12.41 13.04
CA GLY C 55 -24.23 12.07 13.91
C GLY C 55 -22.86 12.32 13.31
N SER C 56 -22.62 13.53 12.84
CA SER C 56 -21.34 13.89 12.25
C SER C 56 -21.03 15.34 12.55
N ALA C 57 -19.73 15.65 12.64
CA ALA C 57 -19.27 17.00 12.91
C ALA C 57 -18.15 17.37 11.92
N PHE C 58 -18.10 18.65 11.57
CA PHE C 58 -17.13 19.16 10.61
C PHE C 58 -16.17 20.12 11.30
N TYR C 59 -14.88 19.95 11.02
CA TYR C 59 -13.83 20.77 11.62
C TYR C 59 -12.92 21.31 10.53
N ALA C 60 -12.23 22.40 10.83
CA ALA C 60 -11.29 23.00 9.90
C ALA C 60 -9.93 22.31 10.02
N ASP C 61 -8.91 22.88 9.37
CA ASP C 61 -7.59 22.28 9.41
C ASP C 61 -6.93 22.48 10.77
N SER C 62 -7.05 23.68 11.34
CA SER C 62 -6.41 23.97 12.63
C SER C 62 -7.15 23.33 13.79
N VAL C 63 -8.45 23.12 13.66
CA VAL C 63 -9.26 22.59 14.76
C VAL C 63 -9.76 21.19 14.42
N LYS C 64 -8.99 20.48 13.58
CA LYS C 64 -9.38 19.13 13.18
C LYS C 64 -9.39 18.17 14.36
N GLY C 65 -8.37 18.25 15.21
CA GLY C 65 -8.29 17.43 16.40
C GLY C 65 -8.83 18.15 17.63
N ARG C 66 -8.62 17.51 18.79
CA ARG C 66 -8.85 18.05 20.13
C ARG C 66 -10.31 18.40 20.42
N PHE C 67 -11.20 18.16 19.48
CA PHE C 67 -12.60 18.54 19.61
C PHE C 67 -13.49 17.30 19.59
N THR C 68 -14.46 17.26 20.49
CA THR C 68 -15.42 16.17 20.57
C THR C 68 -16.77 16.74 20.96
N ILE C 69 -17.77 16.57 20.10
CA ILE C 69 -19.11 17.11 20.31
C ILE C 69 -20.09 15.95 20.42
N SER C 70 -20.85 15.93 21.52
CA SER C 70 -21.87 14.90 21.75
C SER C 70 -23.13 15.60 22.25
N ARG C 71 -24.03 15.92 21.33
CA ARG C 71 -25.27 16.59 21.69
C ARG C 71 -26.22 15.63 22.40
N ASN C 72 -27.11 16.19 23.22
CA ASN C 72 -28.09 15.42 23.97
C ASN C 72 -29.48 15.86 23.57
N ASN C 73 -30.32 14.90 23.20
CA ASN C 73 -31.70 15.18 22.81
C ASN C 73 -32.67 15.12 23.97
N SER C 74 -32.22 14.71 25.16
CA SER C 74 -33.10 14.65 26.32
C SER C 74 -33.49 16.05 26.79
N LYS C 75 -32.52 16.96 26.83
CA LYS C 75 -32.77 18.33 27.26
C LYS C 75 -32.64 19.35 26.14
N ASN C 76 -32.37 18.89 24.91
CA ASN C 76 -32.20 19.75 23.73
C ASN C 76 -31.12 20.80 23.93
N THR C 77 -30.02 20.39 24.56
CA THR C 77 -28.91 21.29 24.87
C THR C 77 -27.68 20.85 24.10
N LEU C 78 -27.06 21.81 23.40
CA LEU C 78 -25.83 21.53 22.67
C LEU C 78 -24.64 21.51 23.62
N TYR C 79 -23.74 20.55 23.41
CA TYR C 79 -22.57 20.37 24.25
C TYR C 79 -21.31 20.51 23.42
N LEU C 80 -20.39 21.34 23.89
CA LEU C 80 -19.09 21.54 23.25
C LEU C 80 -17.99 21.26 24.27
N GLN C 81 -17.03 20.43 23.89
CA GLN C 81 -15.97 20.02 24.80
C GLN C 81 -14.63 20.00 24.07
N MET C 82 -13.61 20.54 24.73
CA MET C 82 -12.24 20.49 24.22
C MET C 82 -11.31 20.14 25.37
N ASN C 83 -10.15 19.59 25.02
CA ASN C 83 -9.19 19.13 26.02
C ASN C 83 -7.91 19.95 26.10
N SER C 84 -7.63 20.79 25.10
CA SER C 84 -6.43 21.63 25.10
C SER C 84 -6.77 23.00 24.55
N LEU C 85 -6.18 24.02 25.16
CA LEU C 85 -6.38 25.40 24.74
C LEU C 85 -5.07 26.16 24.83
N ARG C 86 -4.92 27.20 24.02
CA ARG C 86 -3.72 28.01 23.96
C ARG C 86 -4.02 29.41 24.50
N ALA C 87 -2.98 30.25 24.51
CA ALA C 87 -3.13 31.60 25.04
C ALA C 87 -3.89 32.52 24.08
N GLU C 88 -3.91 32.17 22.79
CA GLU C 88 -4.56 33.00 21.78
C GLU C 88 -6.00 32.58 21.50
N ASP C 89 -6.53 31.61 22.24
CA ASP C 89 -7.84 31.05 21.94
C ASP C 89 -8.97 31.65 22.77
N THR C 90 -8.70 32.68 23.57
CA THR C 90 -9.72 33.23 24.45
C THR C 90 -10.41 34.43 23.81
N ALA C 91 -11.72 34.34 23.69
CA ALA C 91 -12.59 35.40 23.20
C ALA C 91 -14.02 35.03 23.63
N ILE C 92 -14.99 35.79 23.16
CA ILE C 92 -16.38 35.46 23.41
C ILE C 92 -16.82 34.41 22.39
N TYR C 93 -17.66 33.48 22.84
CA TYR C 93 -18.15 32.40 22.00
C TYR C 93 -19.66 32.46 21.92
N TYR C 94 -20.19 32.25 20.71
CA TYR C 94 -21.63 32.20 20.48
C TYR C 94 -22.00 30.89 19.79
N CYS C 95 -23.04 30.24 20.30
CA CYS C 95 -23.67 29.15 19.58
C CYS C 95 -24.78 29.72 18.70
N ALA C 96 -24.93 29.14 17.51
CA ALA C 96 -25.82 29.73 16.51
C ALA C 96 -26.51 28.63 15.72
N ARG C 97 -27.62 29.01 15.08
CA ARG C 97 -28.38 28.15 14.20
C ARG C 97 -28.69 28.89 12.91
N GLY C 98 -28.77 28.15 11.81
CA GLY C 98 -29.07 28.79 10.54
C GLY C 98 -29.36 27.75 9.48
N LEU C 99 -29.75 28.26 8.31
CA LEU C 99 -30.06 27.42 7.16
C LEU C 99 -28.81 27.20 6.32
N GLY C 100 -28.99 26.68 5.11
CA GLY C 100 -27.84 26.47 4.23
C GLY C 100 -27.28 27.78 3.72
N ASP C 101 -25.96 27.91 3.76
CA ASP C 101 -25.15 29.02 3.24
C ASP C 101 -25.36 30.34 3.98
N TYR C 102 -26.21 30.40 4.99
CA TYR C 102 -26.35 31.59 5.82
C TYR C 102 -26.96 31.20 7.15
N LEU C 103 -26.55 31.91 8.20
CA LEU C 103 -26.99 31.64 9.57
C LEU C 103 -27.86 32.79 10.07
N ASP C 104 -28.91 32.45 10.82
CA ASP C 104 -29.89 33.42 11.28
C ASP C 104 -29.89 33.55 12.80
N SER C 105 -30.07 32.44 13.52
CA SER C 105 -30.22 32.51 14.97
C SER C 105 -28.91 32.85 15.65
N TRP C 106 -29.00 33.70 16.68
CA TRP C 106 -27.83 34.13 17.45
C TRP C 106 -28.24 34.20 18.92
N GLY C 107 -27.35 34.73 19.74
CA GLY C 107 -27.63 34.84 21.17
C GLY C 107 -26.48 35.48 21.90
N GLN C 108 -26.50 35.32 23.22
CA GLN C 108 -25.46 35.87 24.08
C GLN C 108 -24.24 34.96 24.07
N GLY C 109 -23.30 35.19 24.98
CA GLY C 109 -22.08 34.40 25.02
C GLY C 109 -21.51 34.29 26.41
N THR C 110 -20.55 33.37 26.54
CA THR C 110 -19.83 33.14 27.79
C THR C 110 -18.35 33.37 27.56
N LEU C 111 -17.73 34.16 28.43
CA LEU C 111 -16.34 34.58 28.28
C LEU C 111 -15.43 33.71 29.15
N VAL C 112 -14.33 33.24 28.58
CA VAL C 112 -13.35 32.43 29.27
C VAL C 112 -11.96 32.99 29.00
N THR C 113 -11.10 32.99 30.03
CA THR C 113 -9.75 33.53 29.93
C THR C 113 -8.74 32.47 30.38
N VAL C 114 -7.54 32.55 29.81
CA VAL C 114 -6.43 31.67 30.20
C VAL C 114 -5.25 32.54 30.60
N SER C 115 -4.27 31.91 31.24
CA SER C 115 -3.04 32.60 31.62
C SER C 115 -1.89 31.60 31.78
N ASP D 1 -6.85 28.35 1.07
CA ASP D 1 -7.30 28.24 -0.32
C ASP D 1 -8.10 29.47 -0.73
N ILE D 2 -9.04 29.87 0.11
CA ILE D 2 -9.88 31.04 -0.14
C ILE D 2 -9.78 31.98 1.05
N GLN D 3 -9.71 33.28 0.77
CA GLN D 3 -9.62 34.30 1.81
C GLN D 3 -10.41 35.52 1.39
N MET D 4 -11.04 36.15 2.38
CA MET D 4 -11.83 37.36 2.17
C MET D 4 -11.06 38.57 2.71
N THR D 5 -11.11 39.68 1.97
CA THR D 5 -10.48 40.91 2.39
C THR D 5 -11.35 42.09 1.98
N GLN D 6 -11.21 43.19 2.70
CA GLN D 6 -11.99 44.41 2.45
C GLN D 6 -11.03 45.59 2.34
N SER D 7 -11.10 46.30 1.22
CA SER D 7 -10.28 47.49 1.04
C SER D 7 -10.60 48.61 2.04
N PRO D 8 -11.86 49.00 2.26
CA PRO D 8 -12.12 50.00 3.31
C PRO D 8 -11.90 49.43 4.70
N SER D 9 -11.45 50.30 5.60
CA SER D 9 -11.23 49.92 6.99
C SER D 9 -11.98 50.82 7.96
N SER D 10 -12.03 52.12 7.70
CA SER D 10 -12.73 53.06 8.57
C SER D 10 -13.16 54.25 7.73
N VAL D 11 -14.45 54.34 7.42
CA VAL D 11 -15.00 55.41 6.59
C VAL D 11 -15.98 56.22 7.44
N SER D 12 -15.76 57.52 7.50
CA SER D 12 -16.61 58.44 8.23
C SER D 12 -17.45 59.24 7.25
N ALA D 13 -18.76 59.29 7.50
CA ALA D 13 -19.67 59.99 6.61
C ALA D 13 -20.88 60.47 7.39
N SER D 14 -21.59 61.44 6.83
CA SER D 14 -22.79 61.99 7.45
C SER D 14 -23.99 61.08 7.15
N VAL D 15 -25.18 61.51 7.56
CA VAL D 15 -26.38 60.72 7.32
C VAL D 15 -26.72 60.70 5.83
N GLY D 16 -26.51 61.81 5.14
CA GLY D 16 -26.77 61.89 3.71
C GLY D 16 -25.54 61.61 2.87
N ASP D 17 -25.00 60.40 2.97
CA ASP D 17 -23.79 60.05 2.23
C ASP D 17 -23.76 58.54 2.00
N ARG D 18 -22.93 58.13 1.05
CA ARG D 18 -22.76 56.73 0.69
C ARG D 18 -21.44 56.21 1.23
N VAL D 19 -21.49 55.14 2.02
CA VAL D 19 -20.28 54.58 2.60
C VAL D 19 -19.40 53.91 1.54
N THR D 20 -20.03 53.25 0.56
CA THR D 20 -19.35 52.54 -0.53
C THR D 20 -18.36 51.52 0.02
N ILE D 21 -18.91 50.52 0.70
CA ILE D 21 -18.15 49.44 1.32
C ILE D 21 -18.34 48.18 0.51
N THR D 22 -17.24 47.55 0.12
CA THR D 22 -17.29 46.34 -0.71
C THR D 22 -16.30 45.31 -0.15
N CYS D 23 -16.54 44.06 -0.51
CA CYS D 23 -15.70 42.94 -0.09
C CYS D 23 -15.07 42.31 -1.34
N ARG D 24 -13.76 42.07 -1.27
CA ARG D 24 -13.00 41.53 -2.38
C ARG D 24 -12.84 40.02 -2.22
N ALA D 25 -13.16 39.29 -3.29
CA ALA D 25 -13.00 37.83 -3.33
C ALA D 25 -12.09 37.45 -4.49
N SER D 26 -11.20 36.49 -4.25
CA SER D 26 -10.27 36.04 -5.28
C SER D 26 -11.00 35.36 -6.44
N GLN D 27 -11.99 34.53 -6.12
CA GLN D 27 -12.78 33.83 -7.13
C GLN D 27 -14.24 34.26 -7.02
N GLY D 28 -15.04 33.84 -7.99
CA GLY D 28 -16.41 34.30 -8.11
C GLY D 28 -17.39 33.48 -7.29
N ILE D 29 -18.25 34.18 -6.56
CA ILE D 29 -19.31 33.55 -5.77
C ILE D 29 -20.64 34.06 -6.32
N GLY D 30 -21.53 33.13 -6.67
CA GLY D 30 -22.78 33.49 -7.30
C GLY D 30 -23.95 33.67 -6.34
N SER D 31 -24.23 34.93 -5.98
CA SER D 31 -25.41 35.31 -5.20
C SER D 31 -25.50 34.56 -3.86
N TRP D 32 -24.34 34.36 -3.23
CA TRP D 32 -24.30 33.69 -1.93
C TRP D 32 -23.61 34.56 -0.90
N LEU D 33 -23.94 35.85 -0.87
CA LEU D 33 -23.32 36.82 0.02
C LEU D 33 -24.33 37.38 0.99
N ALA D 34 -23.92 37.51 2.26
CA ALA D 34 -24.74 38.12 3.29
C ALA D 34 -23.89 39.12 4.07
N TRP D 35 -24.55 40.19 4.52
CA TRP D 35 -23.91 41.25 5.28
C TRP D 35 -24.52 41.33 6.67
N TYR D 36 -23.66 41.40 7.68
CA TYR D 36 -24.09 41.42 9.08
C TYR D 36 -23.60 42.69 9.75
N GLN D 37 -24.09 42.91 10.98
CA GLN D 37 -23.70 44.06 11.79
C GLN D 37 -23.14 43.56 13.12
N GLN D 38 -22.07 44.19 13.58
CA GLN D 38 -21.44 43.86 14.85
C GLN D 38 -21.49 45.09 15.74
N LYS D 39 -22.41 45.11 16.70
CA LYS D 39 -22.51 46.18 17.67
C LYS D 39 -21.64 45.86 18.88
N PRO D 40 -20.81 46.79 19.33
CA PRO D 40 -19.94 46.53 20.50
C PRO D 40 -20.76 46.33 21.76
N GLY D 41 -20.68 45.13 22.32
CA GLY D 41 -21.42 44.78 23.52
C GLY D 41 -22.85 44.34 23.31
N LYS D 42 -23.29 44.25 22.05
CA LYS D 42 -24.66 43.84 21.74
C LYS D 42 -24.64 42.69 20.74
N ALA D 43 -25.74 41.95 20.71
CA ALA D 43 -25.87 40.81 19.82
C ALA D 43 -25.96 41.27 18.35
N PRO D 44 -25.41 40.49 17.42
CA PRO D 44 -25.51 40.86 16.01
C PRO D 44 -26.93 40.69 15.48
N GLN D 45 -27.18 41.32 14.34
CA GLN D 45 -28.51 41.31 13.72
C GLN D 45 -28.36 41.05 12.22
N LEU D 46 -29.44 40.54 11.63
CA LEU D 46 -29.48 40.22 10.21
C LEU D 46 -29.79 41.46 9.39
N LEU D 47 -29.15 41.56 8.22
CA LEU D 47 -29.49 42.60 7.25
C LEU D 47 -30.06 42.00 5.97
N ILE D 48 -29.29 41.15 5.28
CA ILE D 48 -29.69 40.56 4.00
C ILE D 48 -29.19 39.12 3.96
N TYR D 49 -29.63 38.38 2.94
CA TYR D 49 -29.10 37.06 2.67
C TYR D 49 -29.15 36.83 1.16
N ALA D 50 -28.13 36.12 0.66
CA ALA D 50 -27.93 35.79 -0.75
C ALA D 50 -27.70 37.02 -1.63
N ALA D 51 -27.51 38.20 -1.02
CA ALA D 51 -27.15 39.46 -1.69
C ALA D 51 -28.17 39.93 -2.72
N SER D 52 -29.38 39.36 -2.72
CA SER D 52 -30.39 39.78 -3.68
C SER D 52 -31.74 39.99 -3.00
N THR D 53 -31.96 39.31 -1.88
CA THR D 53 -33.23 39.35 -1.17
C THR D 53 -33.08 40.07 0.17
N LEU D 54 -34.21 40.30 0.82
CA LEU D 54 -34.27 41.00 2.09
C LEU D 54 -34.90 40.10 3.15
N GLN D 55 -34.27 40.04 4.32
CA GLN D 55 -34.82 39.30 5.44
C GLN D 55 -36.04 40.02 6.01
N SER D 56 -37.02 39.25 6.47
CA SER D 56 -38.22 39.82 7.06
C SER D 56 -37.88 40.50 8.38
N GLY D 57 -38.47 41.69 8.57
CA GLY D 57 -38.20 42.51 9.73
C GLY D 57 -37.09 43.53 9.55
N VAL D 58 -36.24 43.35 8.55
CA VAL D 58 -35.17 44.30 8.27
C VAL D 58 -35.76 45.53 7.58
N PRO D 59 -35.49 46.74 8.06
CA PRO D 59 -35.98 47.93 7.37
C PRO D 59 -35.35 48.03 5.99
N PRO D 60 -36.09 48.56 5.00
CA PRO D 60 -35.58 48.63 3.62
C PRO D 60 -34.54 49.73 3.43
N ARG D 61 -33.35 49.49 3.98
CA ARG D 61 -32.24 50.42 3.86
C ARG D 61 -31.00 49.81 3.24
N PHE D 62 -30.70 48.54 3.55
CA PHE D 62 -29.52 47.86 3.02
C PHE D 62 -29.91 47.05 1.80
N SER D 63 -29.14 47.21 0.72
CA SER D 63 -29.38 46.49 -0.53
C SER D 63 -28.04 45.98 -1.06
N GLY D 64 -28.09 45.36 -2.24
CA GLY D 64 -26.89 44.84 -2.87
C GLY D 64 -27.09 44.46 -4.32
N SER D 65 -26.03 44.51 -5.11
CA SER D 65 -26.10 44.17 -6.52
C SER D 65 -24.74 43.68 -6.99
N GLY D 66 -24.69 42.46 -7.51
CA GLY D 66 -23.45 41.90 -8.02
C GLY D 66 -23.60 40.46 -8.48
N SER D 67 -23.00 40.13 -9.63
CA SER D 67 -23.17 38.79 -10.19
C SER D 67 -22.21 37.79 -9.54
N GLY D 68 -20.91 37.98 -9.73
CA GLY D 68 -19.95 37.04 -9.17
C GLY D 68 -18.84 37.61 -8.31
N THR D 69 -18.40 38.83 -8.60
CA THR D 69 -17.24 39.36 -7.89
C THR D 69 -17.45 40.74 -7.30
N ASP D 70 -18.17 41.62 -8.00
CA ASP D 70 -18.28 43.03 -7.62
C ASP D 70 -19.61 43.23 -6.89
N PHE D 71 -19.58 43.19 -5.57
CA PHE D 71 -20.75 43.42 -4.74
C PHE D 71 -20.56 44.70 -3.95
N THR D 72 -21.53 45.61 -4.05
CA THR D 72 -21.51 46.86 -3.31
C THR D 72 -22.83 47.05 -2.61
N LEU D 73 -22.79 47.34 -1.31
CA LEU D 73 -23.99 47.60 -0.54
C LEU D 73 -24.40 49.06 -0.72
N THR D 74 -25.69 49.29 -0.92
CA THR D 74 -26.22 50.63 -1.15
C THR D 74 -27.22 50.97 -0.05
N ILE D 75 -27.02 52.12 0.60
CA ILE D 75 -27.91 52.62 1.63
C ILE D 75 -28.49 53.94 1.15
N THR D 76 -29.82 54.03 1.13
CA THR D 76 -30.47 55.27 0.70
C THR D 76 -30.26 56.38 1.72
N SER D 77 -30.43 56.07 3.00
CA SER D 77 -30.22 57.04 4.07
C SER D 77 -29.53 56.35 5.24
N LEU D 78 -28.44 56.93 5.72
CA LEU D 78 -27.67 56.35 6.81
C LEU D 78 -28.30 56.77 8.14
N GLN D 79 -29.07 55.85 8.73
CA GLN D 79 -29.69 56.13 10.01
C GLN D 79 -28.64 56.13 11.13
N PRO D 80 -28.85 56.92 12.19
CA PRO D 80 -27.90 56.90 13.31
C PRO D 80 -27.99 55.64 14.16
N GLU D 81 -29.06 54.86 14.03
CA GLU D 81 -29.23 53.69 14.90
C GLU D 81 -28.30 52.55 14.51
N ASP D 82 -28.12 52.31 13.20
CA ASP D 82 -27.31 51.20 12.72
C ASP D 82 -25.91 51.71 12.41
N PHE D 83 -25.09 51.83 13.45
CA PHE D 83 -23.69 52.19 13.34
C PHE D 83 -22.87 51.03 13.89
N ALA D 84 -22.55 50.07 13.03
CA ALA D 84 -21.86 48.85 13.44
C ALA D 84 -20.87 48.47 12.33
N SER D 85 -20.33 47.26 12.43
CA SER D 85 -19.34 46.77 11.50
C SER D 85 -20.01 46.04 10.33
N TYR D 86 -19.21 45.71 9.32
CA TYR D 86 -19.69 45.01 8.14
C TYR D 86 -18.79 43.80 7.88
N TYR D 87 -19.42 42.69 7.51
CA TYR D 87 -18.70 41.44 7.23
C TYR D 87 -19.33 40.75 6.04
N CYS D 88 -18.49 40.16 5.20
CA CYS D 88 -18.92 39.47 3.99
C CYS D 88 -18.78 37.96 4.19
N GLN D 89 -19.85 37.24 3.90
CA GLN D 89 -19.90 35.79 4.10
C GLN D 89 -20.06 35.10 2.75
N GLN D 90 -19.11 34.24 2.41
CA GLN D 90 -19.14 33.45 1.20
C GLN D 90 -18.81 32.00 1.52
N ALA D 91 -19.44 31.07 0.80
CA ALA D 91 -19.31 29.66 1.08
C ALA D 91 -19.17 28.86 -0.21
N ASN D 92 -18.44 27.74 -0.10
CA ASN D 92 -18.31 26.75 -1.15
C ASN D 92 -19.50 25.79 -1.14
N SER D 93 -19.36 24.63 -1.80
CA SER D 93 -20.44 23.64 -1.84
C SER D 93 -20.88 23.24 -0.45
N VAL D 94 -19.94 22.93 0.44
CA VAL D 94 -20.27 22.66 1.83
C VAL D 94 -20.52 23.98 2.54
N LEU D 95 -21.07 23.93 3.75
CA LEU D 95 -21.40 25.17 4.47
C LEU D 95 -20.18 25.75 5.19
N ALA D 96 -19.07 25.89 4.46
CA ALA D 96 -17.85 26.47 5.02
C ALA D 96 -17.85 27.95 4.68
N LEU D 97 -18.48 28.74 5.55
CA LEU D 97 -18.56 30.18 5.36
C LEU D 97 -17.23 30.83 5.68
N THR D 98 -16.89 31.87 4.92
CA THR D 98 -15.65 32.61 5.07
C THR D 98 -15.96 34.07 5.37
N PHE D 99 -15.26 34.64 6.34
CA PHE D 99 -15.47 36.02 6.76
C PHE D 99 -14.17 36.81 6.61
N GLY D 100 -14.31 38.08 6.28
CA GLY D 100 -13.16 38.96 6.15
C GLY D 100 -13.04 39.95 7.28
N GLY D 101 -12.42 41.10 7.00
CA GLY D 101 -12.26 42.14 8.00
C GLY D 101 -13.55 42.92 8.22
N GLY D 102 -13.49 43.82 9.20
CA GLY D 102 -14.62 44.65 9.58
C GLY D 102 -14.36 46.11 9.25
N THR D 103 -15.40 46.79 8.77
CA THR D 103 -15.33 48.21 8.44
C THR D 103 -16.17 48.99 9.44
N LYS D 104 -15.57 50.00 10.06
CA LYS D 104 -16.22 50.79 11.10
C LYS D 104 -16.66 52.13 10.52
N VAL D 105 -17.91 52.50 10.80
CA VAL D 105 -18.48 53.76 10.36
C VAL D 105 -18.65 54.66 11.58
N GLU D 106 -18.08 55.86 11.51
CA GLU D 106 -18.10 56.81 12.61
C GLU D 106 -18.68 58.13 12.14
N ILE D 107 -19.23 58.88 13.09
CA ILE D 107 -19.84 60.18 12.80
C ILE D 107 -18.74 61.20 12.48
#